data_6CGT
#
_entry.id   6CGT
#
_cell.length_a   93.000
_cell.length_b   104.900
_cell.length_c   113.700
_cell.angle_alpha   90.00
_cell.angle_beta   90.00
_cell.angle_gamma   90.00
#
_symmetry.space_group_name_H-M   'P 21 21 21'
#
loop_
_entity.id
_entity.type
_entity.pdbx_description
1 polymer 'CYCLODEXTRIN GLYCOSYLTRANSFERASE'
2 branched 4-amino-4,6-dideoxy-beta-D-glucopyranose-(1-4)-alpha-D-glucopyranose
3 non-polymer OXIRANPSEUDOGLUCOSE
4 non-polymer 'CALCIUM ION'
5 water water
#
_entity_poly.entity_id   1
_entity_poly.type   'polypeptide(L)'
_entity_poly.pdbx_seq_one_letter_code
;DPDTAVTNKQSFSTDVIYQVFTDRFLDGNPSNNPTGAAYDATCSNLKLYCGGDWQGLINKINDNYFSDLGVTALWISQPV
ENIFATINYSGVTNTAYHGYWARDFKKTNPYFGTMADFQNLITTAHAKGIKIVIDFAPNHTSPAMETDTSFAENGRLYDN
GTLVGGYTNDTNGYFHHNGGSDFSSLENGIYKNTYDLADFNHNNATIDKYFKDAIKLWLDMGVDGIRVDAVKHMPLGWQK
SWMSSIYAHKPVFTFGEWFLGSAASDADNTDFANKSGMSLLDFRFNSAVRNVFRDNTSNMYALDSMINSTATDYNQVNDQ
VTFIDNHDMDRFKTSAVNNRRLEQALAFTLTSRGVPAIYYGTEQYLTGNGDPDNRAKMPSFSKSTTAFNVISKLAPLRKS
NPAIAYGSTQQRWINNDVYVYERKFGKSVAVVAVNRNLSTSASITGLSTSLPTGSYTDVLGGVLNGNNITSTNGSINNFT
LAAGATAVWQYTTAETTPTIGHVGPVMGKPGNVVTIDGRGFGSTKGTVYFGTTAVTGAAITSWEDTQIKVTIPSVAAGNY
AVKVAASGVNSNAYNNFTILTGDQVTVRFVVNNASTTLGQNLYLTGNVAELGNWSTGSTAIGPAFNQVIHQYPTWYYDVS
VPAGKQLEFKFFKKNGSTITWESGSNHTFTTPASGTATVTVNWQ
;
_entity_poly.pdbx_strand_id   A
#
loop_
_chem_comp.id
_chem_comp.type
_chem_comp.name
_chem_comp.formula
CA non-polymer 'CALCIUM ION' 'Ca 2'
DAG D-saccharide, beta linking 4-amino-4,6-dideoxy-beta-D-glucopyranose 'C6 H13 N O4'
GLC D-saccharide, alpha linking alpha-D-glucopyranose 'C6 H12 O6'
OPG non-polymer OXIRANPSEUDOGLUCOSE 'C7 H12 O5'
#
# COMPACT_ATOMS: atom_id res chain seq x y z
N ASP A 1 -13.23 0.81 20.93
CA ASP A 1 -12.68 -0.42 20.25
C ASP A 1 -11.15 -0.54 20.24
N PRO A 2 -10.64 -1.75 20.56
CA PRO A 2 -9.20 -1.98 20.57
C PRO A 2 -8.57 -1.66 19.22
N ASP A 3 -7.26 -1.38 19.23
CA ASP A 3 -6.49 -1.11 18.01
C ASP A 3 -6.60 -2.33 17.10
N THR A 4 -6.72 -3.51 17.71
CA THR A 4 -6.78 -4.75 16.97
C THR A 4 -8.15 -5.24 16.47
N ALA A 5 -9.21 -4.53 16.82
CA ALA A 5 -10.56 -4.91 16.36
C ALA A 5 -10.68 -4.86 14.81
N VAL A 6 -11.73 -5.48 14.27
CA VAL A 6 -11.96 -5.51 12.85
C VAL A 6 -12.56 -4.19 12.33
N THR A 7 -12.89 -3.32 13.27
CA THR A 7 -13.48 -2.02 12.95
C THR A 7 -12.43 -0.93 12.85
N ASN A 8 -11.16 -1.31 12.95
CA ASN A 8 -10.05 -0.35 12.86
C ASN A 8 -9.58 -0.22 11.40
N LYS A 9 -10.37 0.46 10.58
CA LYS A 9 -10.10 0.63 9.15
C LYS A 9 -8.93 1.56 8.83
N GLN A 10 -8.29 2.13 9.86
CA GLN A 10 -7.19 3.05 9.58
C GLN A 10 -5.80 2.49 9.84
N SER A 11 -5.72 1.25 10.32
CA SER A 11 -4.43 0.61 10.59
C SER A 11 -4.48 -0.89 10.30
N PHE A 12 -3.42 -1.44 9.70
CA PHE A 12 -3.36 -2.87 9.37
C PHE A 12 -2.11 -3.56 9.91
N SER A 13 -1.36 -2.89 10.76
CA SER A 13 -0.14 -3.46 11.33
C SER A 13 -0.44 -4.72 12.14
N THR A 14 -1.65 -4.80 12.71
CA THR A 14 -1.99 -5.98 13.49
C THR A 14 -2.53 -7.13 12.62
N ASP A 15 -2.91 -6.81 11.38
CA ASP A 15 -3.46 -7.79 10.43
C ASP A 15 -2.48 -8.52 9.53
N VAL A 16 -3.01 -9.53 8.81
CA VAL A 16 -2.26 -10.30 7.82
C VAL A 16 -3.14 -10.39 6.55
N ILE A 17 -2.70 -9.79 5.46
CA ILE A 17 -3.47 -9.80 4.21
C ILE A 17 -3.36 -11.05 3.35
N TYR A 18 -4.47 -11.45 2.74
CA TYR A 18 -4.52 -12.62 1.87
C TYR A 18 -5.02 -12.13 0.51
N GLN A 19 -4.07 -11.85 -0.38
CA GLN A 19 -4.42 -11.39 -1.71
C GLN A 19 -4.95 -12.50 -2.53
N VAL A 20 -6.23 -12.41 -2.87
CA VAL A 20 -6.86 -13.43 -3.68
C VAL A 20 -7.35 -12.95 -5.03
N PHE A 21 -7.16 -13.80 -6.02
CA PHE A 21 -7.62 -13.51 -7.36
C PHE A 21 -8.98 -14.18 -7.39
N THR A 22 -10.01 -13.42 -7.02
CA THR A 22 -11.39 -13.88 -6.98
C THR A 22 -11.74 -15.02 -7.96
N ASP A 23 -11.55 -14.79 -9.24
CA ASP A 23 -11.85 -15.79 -10.25
C ASP A 23 -11.21 -17.14 -10.01
N ARG A 24 -9.93 -17.12 -9.72
CA ARG A 24 -9.14 -18.33 -9.53
C ARG A 24 -9.30 -19.05 -8.24
N PHE A 25 -10.04 -18.46 -7.30
CA PHE A 25 -10.21 -19.09 -5.99
C PHE A 25 -11.31 -20.13 -5.85
N LEU A 26 -12.58 -19.70 -5.91
CA LEU A 26 -13.68 -20.63 -5.69
C LEU A 26 -15.04 -20.27 -6.29
N ASP A 27 -15.44 -21.07 -7.27
CA ASP A 27 -16.73 -20.92 -7.93
C ASP A 27 -17.84 -21.28 -6.93
N GLY A 28 -18.44 -20.29 -6.29
CA GLY A 28 -19.49 -20.56 -5.32
C GLY A 28 -20.90 -20.43 -5.83
N ASN A 29 -21.01 -20.03 -7.10
CA ASN A 29 -22.30 -19.84 -7.74
C ASN A 29 -22.00 -19.90 -9.24
N PRO A 30 -22.39 -21.02 -9.87
CA PRO A 30 -22.21 -21.28 -11.31
C PRO A 30 -23.19 -20.56 -12.20
N SER A 31 -24.24 -20.02 -11.58
CA SER A 31 -25.26 -19.27 -12.31
C SER A 31 -24.69 -17.98 -12.91
N ASN A 32 -23.67 -17.44 -12.26
CA ASN A 32 -23.04 -16.21 -12.70
C ASN A 32 -21.89 -16.38 -13.67
N ASN A 33 -21.44 -17.61 -13.90
CA ASN A 33 -20.32 -17.84 -14.82
C ASN A 33 -20.64 -17.46 -16.27
N PRO A 34 -19.64 -16.93 -16.99
CA PRO A 34 -19.89 -16.56 -18.39
C PRO A 34 -20.25 -17.72 -19.32
N THR A 35 -20.90 -17.37 -20.43
CA THR A 35 -21.28 -18.33 -21.45
C THR A 35 -20.12 -18.64 -22.42
N GLY A 36 -20.07 -19.91 -22.79
CA GLY A 36 -19.08 -20.43 -23.73
C GLY A 36 -17.72 -19.81 -23.95
N ALA A 37 -17.62 -19.05 -25.04
CA ALA A 37 -16.41 -18.37 -25.52
C ALA A 37 -15.30 -17.95 -24.54
N ALA A 38 -15.70 -17.39 -23.41
CA ALA A 38 -14.73 -16.92 -22.44
C ALA A 38 -14.83 -17.56 -21.06
N TYR A 39 -15.19 -18.83 -21.02
CA TYR A 39 -15.33 -19.58 -19.77
C TYR A 39 -14.68 -20.95 -19.94
N ASP A 40 -14.15 -21.46 -18.83
CA ASP A 40 -13.48 -22.75 -18.82
C ASP A 40 -13.70 -23.39 -17.47
N ALA A 41 -14.48 -24.46 -17.46
CA ALA A 41 -14.77 -25.15 -16.21
C ALA A 41 -13.51 -25.84 -15.67
N THR A 42 -12.75 -26.47 -16.58
CA THR A 42 -11.49 -27.16 -16.23
C THR A 42 -10.40 -26.18 -15.79
N CYS A 43 -10.66 -24.88 -16.01
CA CYS A 43 -9.73 -23.80 -15.69
C CYS A 43 -8.34 -24.20 -16.10
N SER A 44 -8.25 -24.78 -17.30
CA SER A 44 -6.99 -25.23 -17.89
C SER A 44 -6.32 -24.03 -18.49
N ASN A 45 -6.95 -23.44 -19.51
CA ASN A 45 -6.45 -22.22 -20.17
C ASN A 45 -6.58 -21.05 -19.18
N LEU A 46 -5.45 -20.50 -18.73
CA LEU A 46 -5.49 -19.43 -17.74
C LEU A 46 -5.93 -18.02 -18.12
N LYS A 47 -6.00 -17.69 -19.42
CA LYS A 47 -6.42 -16.35 -19.83
C LYS A 47 -7.94 -16.12 -19.76
N LEU A 48 -8.72 -17.19 -19.72
CA LEU A 48 -10.19 -17.13 -19.69
C LEU A 48 -10.69 -17.18 -18.27
N TYR A 49 -11.98 -16.86 -18.06
CA TYR A 49 -12.59 -16.91 -16.73
C TYR A 49 -12.63 -18.38 -16.31
N CYS A 50 -12.79 -18.65 -15.03
CA CYS A 50 -12.78 -20.00 -14.49
C CYS A 50 -13.94 -20.25 -13.54
N GLY A 51 -14.53 -19.15 -13.05
CA GLY A 51 -15.64 -19.26 -12.12
C GLY A 51 -15.53 -18.29 -10.96
N GLY A 52 -14.72 -18.65 -9.98
CA GLY A 52 -14.47 -17.86 -8.79
C GLY A 52 -15.25 -16.58 -8.63
N ASP A 53 -16.15 -16.57 -7.66
CA ASP A 53 -16.98 -15.42 -7.43
C ASP A 53 -16.90 -15.05 -5.96
N TRP A 54 -17.77 -14.13 -5.53
CA TRP A 54 -17.77 -13.68 -4.15
C TRP A 54 -18.37 -14.70 -3.24
N GLN A 55 -19.38 -15.43 -3.71
CA GLN A 55 -19.99 -16.47 -2.90
C GLN A 55 -18.98 -17.53 -2.43
N GLY A 56 -18.02 -17.85 -3.31
CA GLY A 56 -17.02 -18.82 -2.98
C GLY A 56 -16.23 -18.33 -1.79
N LEU A 57 -15.95 -17.03 -1.76
CA LEU A 57 -15.22 -16.43 -0.67
C LEU A 57 -16.04 -16.49 0.60
N ILE A 58 -17.33 -16.25 0.46
CA ILE A 58 -18.23 -16.29 1.61
C ILE A 58 -18.27 -17.73 2.13
N ASN A 59 -18.30 -18.67 1.19
CA ASN A 59 -18.37 -20.08 1.53
C ASN A 59 -17.15 -20.44 2.35
N LYS A 60 -16.01 -19.88 1.94
CA LYS A 60 -14.76 -20.15 2.62
C LYS A 60 -14.50 -19.42 3.92
N ILE A 61 -15.18 -18.30 4.12
CA ILE A 61 -15.06 -17.52 5.35
C ILE A 61 -15.89 -18.27 6.38
N ASN A 62 -17.06 -18.69 5.92
CA ASN A 62 -18.01 -19.40 6.73
C ASN A 62 -17.52 -20.74 7.20
N ASP A 63 -16.92 -21.51 6.31
CA ASP A 63 -16.45 -22.83 6.71
C ASP A 63 -15.06 -22.81 7.35
N ASN A 64 -14.75 -21.65 7.92
CA ASN A 64 -13.51 -21.39 8.63
C ASN A 64 -12.13 -21.63 8.00
N TYR A 65 -12.01 -21.58 6.68
CA TYR A 65 -10.69 -21.76 6.06
C TYR A 65 -9.70 -20.65 6.43
N PHE A 66 -10.15 -19.39 6.35
CA PHE A 66 -9.31 -18.22 6.67
C PHE A 66 -9.10 -18.01 8.16
N SER A 67 -10.00 -18.55 8.95
CA SER A 67 -9.90 -18.39 10.39
C SER A 67 -8.87 -19.35 10.97
N ASP A 68 -8.82 -20.59 10.48
CA ASP A 68 -7.80 -21.53 11.00
C ASP A 68 -6.45 -21.17 10.43
N LEU A 69 -6.44 -20.38 9.34
CA LEU A 69 -5.20 -19.97 8.73
C LEU A 69 -4.64 -18.77 9.47
N GLY A 70 -5.53 -17.90 9.93
CA GLY A 70 -5.10 -16.72 10.66
C GLY A 70 -5.04 -15.40 9.93
N VAL A 71 -5.36 -15.39 8.63
CA VAL A 71 -5.35 -14.14 7.87
C VAL A 71 -6.52 -13.30 8.42
N THR A 72 -6.37 -11.99 8.50
CA THR A 72 -7.47 -11.17 9.02
C THR A 72 -8.04 -10.14 8.06
N ALA A 73 -7.62 -10.21 6.80
CA ALA A 73 -8.14 -9.31 5.78
C ALA A 73 -7.78 -9.89 4.43
N LEU A 74 -8.75 -9.88 3.53
CA LEU A 74 -8.57 -10.40 2.19
C LEU A 74 -8.50 -9.24 1.20
N TRP A 75 -7.56 -9.30 0.26
CA TRP A 75 -7.46 -8.27 -0.76
C TRP A 75 -7.87 -8.90 -2.11
N ILE A 76 -9.10 -8.60 -2.47
CA ILE A 76 -9.74 -9.08 -3.68
C ILE A 76 -9.43 -8.29 -4.93
N SER A 77 -9.85 -8.84 -6.06
CA SER A 77 -9.67 -8.24 -7.37
C SER A 77 -10.62 -7.06 -7.49
N GLN A 78 -10.24 -6.09 -8.33
CA GLN A 78 -11.04 -4.91 -8.62
C GLN A 78 -12.49 -5.36 -8.79
N PRO A 79 -13.36 -4.94 -7.88
CA PRO A 79 -14.79 -5.31 -7.91
C PRO A 79 -15.69 -4.73 -8.96
N VAL A 80 -15.26 -3.65 -9.60
CA VAL A 80 -16.11 -3.01 -10.61
C VAL A 80 -16.38 -3.87 -11.85
N GLU A 81 -17.46 -3.50 -12.54
CA GLU A 81 -17.85 -4.15 -13.77
C GLU A 81 -16.78 -3.88 -14.85
N ASN A 82 -16.23 -4.96 -15.41
CA ASN A 82 -15.23 -4.89 -16.49
C ASN A 82 -15.87 -5.06 -17.88
N ILE A 83 -15.04 -4.94 -18.92
CA ILE A 83 -15.50 -5.08 -20.32
C ILE A 83 -15.86 -6.54 -20.59
N PHE A 84 -16.98 -6.78 -21.27
CA PHE A 84 -17.38 -8.15 -21.62
C PHE A 84 -16.68 -8.66 -22.87
N ALA A 85 -16.06 -7.76 -23.62
CA ALA A 85 -15.38 -8.16 -24.84
C ALA A 85 -14.36 -9.22 -24.56
N THR A 86 -14.03 -9.92 -25.63
CA THR A 86 -13.05 -10.97 -25.58
C THR A 86 -12.01 -10.37 -26.52
N ILE A 87 -10.81 -10.17 -26.00
CA ILE A 87 -9.72 -9.60 -26.79
C ILE A 87 -8.84 -10.72 -27.28
N ASN A 88 -8.37 -10.62 -28.52
CA ASN A 88 -7.51 -11.63 -29.07
C ASN A 88 -6.14 -11.07 -29.44
N TYR A 89 -5.13 -11.38 -28.63
CA TYR A 89 -3.75 -10.93 -28.89
C TYR A 89 -2.98 -12.05 -29.56
N SER A 90 -2.43 -11.76 -30.74
CA SER A 90 -1.65 -12.71 -31.57
C SER A 90 -2.09 -14.19 -31.41
N GLY A 91 -3.32 -14.45 -31.88
CA GLY A 91 -3.85 -15.81 -31.81
C GLY A 91 -4.53 -16.24 -30.54
N VAL A 92 -4.09 -15.78 -29.38
CA VAL A 92 -4.76 -16.22 -28.16
C VAL A 92 -5.78 -15.26 -27.53
N THR A 93 -6.98 -15.82 -27.28
CA THR A 93 -8.08 -15.09 -26.67
C THR A 93 -7.68 -14.71 -25.27
N ASN A 94 -8.13 -13.53 -24.84
CA ASN A 94 -7.82 -13.00 -23.51
C ASN A 94 -9.11 -12.40 -22.97
N THR A 95 -9.35 -12.57 -21.67
CA THR A 95 -10.53 -12.02 -21.02
C THR A 95 -10.10 -11.11 -19.85
N ALA A 96 -11.10 -10.44 -19.27
CA ALA A 96 -10.88 -9.53 -18.14
C ALA A 96 -11.05 -10.19 -16.77
N TYR A 97 -10.64 -11.46 -16.64
CA TYR A 97 -10.76 -12.18 -15.37
C TYR A 97 -10.05 -11.49 -14.18
N HIS A 98 -8.95 -10.80 -14.47
CA HIS A 98 -8.13 -10.13 -13.46
C HIS A 98 -8.82 -8.93 -12.87
N GLY A 99 -9.82 -8.42 -13.57
CA GLY A 99 -10.57 -7.29 -13.06
C GLY A 99 -10.02 -5.93 -13.40
N TYR A 100 -8.83 -5.87 -13.96
CA TYR A 100 -8.19 -4.62 -14.31
C TYR A 100 -8.65 -3.87 -15.53
N TRP A 101 -9.60 -4.44 -16.27
CA TRP A 101 -10.09 -3.75 -17.45
C TRP A 101 -11.44 -3.14 -17.13
N ALA A 102 -11.39 -2.13 -16.28
CA ALA A 102 -12.58 -1.41 -15.84
C ALA A 102 -13.33 -0.78 -16.99
N ARG A 103 -14.65 -0.78 -16.84
CA ARG A 103 -15.58 -0.27 -17.82
C ARG A 103 -16.49 0.76 -17.14
N ASP A 104 -17.04 0.39 -15.99
CA ASP A 104 -17.93 1.28 -15.26
C ASP A 104 -17.67 1.04 -13.78
N PHE A 105 -16.88 1.93 -13.17
CA PHE A 105 -16.50 1.87 -11.75
C PHE A 105 -17.67 1.97 -10.77
N LYS A 106 -18.84 2.33 -11.28
CA LYS A 106 -19.99 2.45 -10.40
C LYS A 106 -20.84 1.20 -10.16
N LYS A 107 -20.71 0.18 -11.01
CA LYS A 107 -21.47 -1.08 -10.81
C LYS A 107 -20.55 -2.22 -10.36
N THR A 108 -21.14 -3.36 -10.00
CA THR A 108 -20.35 -4.53 -9.61
C THR A 108 -20.12 -5.37 -10.87
N ASN A 109 -19.14 -6.26 -10.81
CA ASN A 109 -18.83 -7.16 -11.92
C ASN A 109 -19.87 -8.28 -11.82
N PRO A 110 -20.72 -8.40 -12.84
CA PRO A 110 -21.74 -9.47 -12.80
C PRO A 110 -21.16 -10.86 -12.63
N TYR A 111 -19.97 -11.10 -13.18
CA TYR A 111 -19.31 -12.41 -13.06
C TYR A 111 -18.82 -12.74 -11.64
N PHE A 112 -18.55 -11.70 -10.86
CA PHE A 112 -18.12 -11.83 -9.46
C PHE A 112 -19.32 -11.75 -8.50
N GLY A 113 -20.38 -11.07 -8.93
CA GLY A 113 -21.53 -10.96 -8.05
C GLY A 113 -22.31 -9.70 -8.30
N THR A 114 -23.23 -9.40 -7.38
CA THR A 114 -24.09 -8.21 -7.46
C THR A 114 -23.88 -7.36 -6.21
N MET A 115 -24.49 -6.18 -6.21
CA MET A 115 -24.40 -5.29 -5.08
C MET A 115 -24.77 -6.01 -3.81
N ALA A 116 -25.79 -6.85 -3.93
CA ALA A 116 -26.29 -7.61 -2.80
C ALA A 116 -25.32 -8.70 -2.35
N ASP A 117 -24.61 -9.29 -3.31
CA ASP A 117 -23.64 -10.32 -2.97
C ASP A 117 -22.42 -9.62 -2.42
N PHE A 118 -22.30 -8.35 -2.77
CA PHE A 118 -21.17 -7.60 -2.31
C PHE A 118 -21.36 -7.22 -0.86
N GLN A 119 -22.59 -6.89 -0.46
CA GLN A 119 -22.83 -6.52 0.93
C GLN A 119 -22.59 -7.75 1.74
N ASN A 120 -23.08 -8.87 1.23
CA ASN A 120 -22.88 -10.11 1.91
C ASN A 120 -21.42 -10.33 2.24
N LEU A 121 -20.55 -10.06 1.28
CA LEU A 121 -19.10 -10.24 1.48
C LEU A 121 -18.64 -9.44 2.69
N ILE A 122 -19.05 -8.19 2.76
CA ILE A 122 -18.67 -7.32 3.86
C ILE A 122 -19.20 -7.84 5.18
N THR A 123 -20.51 -7.81 5.34
CA THR A 123 -21.21 -8.29 6.54
C THR A 123 -20.65 -9.61 7.08
N THR A 124 -20.53 -10.59 6.20
CA THR A 124 -20.01 -11.92 6.56
C THR A 124 -18.56 -11.82 7.02
N ALA A 125 -17.73 -11.17 6.20
CA ALA A 125 -16.31 -11.00 6.49
C ALA A 125 -16.05 -10.28 7.80
N HIS A 126 -16.87 -9.28 8.07
CA HIS A 126 -16.74 -8.46 9.25
C HIS A 126 -17.21 -9.22 10.46
N ALA A 127 -18.16 -10.13 10.24
CA ALA A 127 -18.71 -10.92 11.34
C ALA A 127 -17.65 -11.87 11.88
N LYS A 128 -16.93 -12.51 10.97
CA LYS A 128 -15.85 -13.44 11.32
C LYS A 128 -14.52 -12.64 11.59
N GLY A 129 -14.65 -11.31 11.73
CA GLY A 129 -13.50 -10.46 12.00
C GLY A 129 -12.42 -10.38 10.93
N ILE A 130 -12.82 -10.06 9.70
CA ILE A 130 -11.91 -9.96 8.58
C ILE A 130 -12.23 -8.71 7.78
N LYS A 131 -11.20 -7.90 7.57
CA LYS A 131 -11.33 -6.68 6.82
C LYS A 131 -11.30 -7.02 5.34
N ILE A 132 -11.81 -6.08 4.53
CA ILE A 132 -11.83 -6.22 3.09
C ILE A 132 -11.12 -5.09 2.37
N VAL A 133 -9.98 -5.40 1.78
CA VAL A 133 -9.25 -4.39 1.02
C VAL A 133 -9.63 -4.70 -0.41
N ILE A 134 -9.74 -3.67 -1.24
CA ILE A 134 -10.09 -3.87 -2.64
C ILE A 134 -9.15 -3.15 -3.56
N ASP A 135 -8.93 -3.76 -4.72
CA ASP A 135 -8.09 -3.20 -5.76
C ASP A 135 -8.95 -2.17 -6.50
N PHE A 136 -8.32 -1.10 -6.96
CA PHE A 136 -8.99 -0.02 -7.67
C PHE A 136 -7.92 0.55 -8.62
N ALA A 137 -8.17 0.55 -9.92
CA ALA A 137 -7.18 1.06 -10.86
C ALA A 137 -7.72 2.26 -11.61
N PRO A 138 -7.56 3.47 -11.05
CA PRO A 138 -8.06 4.68 -11.69
C PRO A 138 -7.14 5.28 -12.76
N ASN A 139 -6.13 4.54 -13.19
CA ASN A 139 -5.20 5.04 -14.18
C ASN A 139 -5.72 4.81 -15.58
N HIS A 140 -6.71 3.94 -15.71
CA HIS A 140 -7.20 3.61 -17.04
C HIS A 140 -8.48 2.79 -17.03
N THR A 141 -8.96 2.52 -18.24
CA THR A 141 -10.13 1.72 -18.44
C THR A 141 -9.70 0.35 -18.94
N SER A 142 -9.67 0.19 -20.26
CA SER A 142 -9.33 -1.09 -20.86
C SER A 142 -8.52 -0.89 -22.15
N PRO A 143 -7.99 -1.98 -22.75
CA PRO A 143 -7.20 -1.91 -23.99
C PRO A 143 -7.99 -1.19 -25.08
N ALA A 144 -7.29 -0.46 -25.93
CA ALA A 144 -7.98 0.30 -26.94
C ALA A 144 -7.01 0.71 -28.02
N MET A 145 -7.50 0.67 -29.26
CA MET A 145 -6.74 1.03 -30.44
C MET A 145 -7.38 2.30 -30.99
N GLU A 146 -6.71 3.43 -30.77
CA GLU A 146 -7.18 4.75 -31.21
C GLU A 146 -7.87 4.76 -32.57
N THR A 147 -7.24 4.11 -33.55
CA THR A 147 -7.74 4.05 -34.92
C THR A 147 -8.57 2.79 -35.23
N ASP A 148 -9.38 2.33 -34.29
CA ASP A 148 -10.18 1.12 -34.52
C ASP A 148 -11.17 0.85 -33.39
N THR A 149 -12.40 1.32 -33.56
CA THR A 149 -13.44 1.13 -32.55
C THR A 149 -13.80 -0.36 -32.37
N SER A 150 -13.50 -1.16 -33.39
CA SER A 150 -13.77 -2.60 -33.32
C SER A 150 -12.93 -3.29 -32.24
N PHE A 151 -11.68 -2.87 -32.08
CA PHE A 151 -10.79 -3.46 -31.07
C PHE A 151 -11.30 -3.31 -29.65
N ALA A 152 -11.71 -4.46 -29.08
CA ALA A 152 -12.27 -4.54 -27.72
C ALA A 152 -13.41 -3.52 -27.57
N GLU A 153 -13.55 -2.94 -26.38
CA GLU A 153 -14.60 -1.94 -26.18
C GLU A 153 -14.15 -0.48 -26.35
N ASN A 154 -12.92 -0.31 -26.82
CA ASN A 154 -12.35 1.00 -27.11
C ASN A 154 -12.29 1.86 -25.88
N GLY A 155 -11.85 1.23 -24.80
CA GLY A 155 -11.70 1.90 -23.52
C GLY A 155 -12.89 2.64 -23.00
N ARG A 156 -14.07 2.37 -23.56
CA ARG A 156 -15.30 3.06 -23.15
C ARG A 156 -15.56 3.08 -21.64
N LEU A 157 -15.88 4.26 -21.13
CA LEU A 157 -16.18 4.46 -19.72
C LEU A 157 -17.66 4.83 -19.57
N TYR A 158 -18.30 4.24 -18.57
CA TYR A 158 -19.71 4.47 -18.27
C TYR A 158 -19.82 5.02 -16.84
N ASP A 159 -20.96 5.61 -16.55
CA ASP A 159 -21.21 6.13 -15.22
C ASP A 159 -22.53 5.46 -14.94
N ASN A 160 -22.48 4.45 -14.08
CA ASN A 160 -23.63 3.65 -13.72
C ASN A 160 -24.57 3.40 -14.88
N GLY A 161 -23.95 3.13 -16.04
CA GLY A 161 -24.71 2.84 -17.22
C GLY A 161 -24.57 3.85 -18.32
N THR A 162 -24.76 5.11 -17.98
CA THR A 162 -24.65 6.19 -18.95
C THR A 162 -23.27 6.28 -19.59
N LEU A 163 -23.20 6.17 -20.91
CA LEU A 163 -21.91 6.23 -21.61
C LEU A 163 -21.26 7.60 -21.67
N VAL A 164 -20.21 7.76 -20.86
CA VAL A 164 -19.44 8.99 -20.79
C VAL A 164 -18.67 9.21 -22.09
N GLY A 165 -17.85 8.22 -22.50
CA GLY A 165 -17.06 8.36 -23.72
C GLY A 165 -16.02 7.29 -24.07
N GLY A 166 -15.73 7.15 -25.36
CA GLY A 166 -14.75 6.17 -25.79
C GLY A 166 -13.40 6.80 -25.97
N TYR A 167 -12.49 6.09 -26.62
CA TYR A 167 -11.13 6.58 -26.84
C TYR A 167 -11.04 7.34 -28.16
N THR A 168 -11.74 6.84 -29.19
CA THR A 168 -11.78 7.49 -30.51
C THR A 168 -12.82 8.59 -30.45
N ASN A 169 -12.55 9.70 -31.12
CA ASN A 169 -13.47 10.85 -31.09
C ASN A 169 -13.67 11.26 -29.64
N ASP A 170 -12.58 11.36 -28.90
CA ASP A 170 -12.61 11.75 -27.51
C ASP A 170 -12.41 13.27 -27.48
N THR A 171 -13.48 13.98 -27.86
CA THR A 171 -13.43 15.44 -27.97
C THR A 171 -13.21 16.19 -26.65
N ASN A 172 -13.91 15.76 -25.60
CA ASN A 172 -13.76 16.39 -24.28
C ASN A 172 -12.37 16.11 -23.73
N GLY A 173 -11.72 15.07 -24.25
CA GLY A 173 -10.39 14.72 -23.80
C GLY A 173 -10.41 14.17 -22.39
N TYR A 174 -11.00 12.99 -22.23
CA TYR A 174 -11.08 12.30 -20.95
C TYR A 174 -9.85 11.40 -20.84
N PHE A 175 -9.13 11.25 -21.96
CA PHE A 175 -7.97 10.39 -21.99
C PHE A 175 -6.81 11.13 -22.62
N HIS A 176 -5.62 10.56 -22.52
CA HIS A 176 -4.43 11.14 -23.12
C HIS A 176 -4.25 10.40 -24.43
N HIS A 177 -3.82 11.13 -25.45
CA HIS A 177 -3.58 10.53 -26.73
C HIS A 177 -2.14 10.87 -27.09
N ASN A 178 -1.24 10.43 -26.23
CA ASN A 178 0.17 10.70 -26.46
C ASN A 178 0.95 9.46 -26.82
N GLY A 179 0.22 8.44 -27.28
CA GLY A 179 0.82 7.20 -27.67
C GLY A 179 1.33 6.35 -26.51
N GLY A 180 2.00 5.26 -26.88
CA GLY A 180 2.53 4.30 -25.93
C GLY A 180 3.72 4.81 -25.15
N SER A 181 3.74 4.46 -23.86
CA SER A 181 4.82 4.85 -22.99
C SER A 181 5.93 3.81 -23.15
N ASP A 182 7.18 4.26 -23.22
CA ASP A 182 8.29 3.33 -23.32
C ASP A 182 9.07 3.22 -22.02
N PHE A 183 8.52 3.78 -20.93
CA PHE A 183 9.14 3.75 -19.60
C PHE A 183 10.59 4.28 -19.52
N SER A 184 10.92 5.31 -20.28
CA SER A 184 12.27 5.86 -20.23
C SER A 184 12.47 6.87 -19.10
N SER A 185 11.41 7.59 -18.73
CA SER A 185 11.47 8.60 -17.64
C SER A 185 10.17 8.51 -16.89
N LEU A 186 10.16 9.07 -15.67
CA LEU A 186 8.95 9.03 -14.86
C LEU A 186 7.74 9.67 -15.54
N GLU A 187 7.95 10.81 -16.21
CA GLU A 187 6.83 11.51 -16.85
C GLU A 187 6.38 10.83 -18.12
N ASN A 188 7.29 10.13 -18.79
CA ASN A 188 6.91 9.41 -19.99
C ASN A 188 5.86 8.34 -19.62
N GLY A 189 5.99 7.80 -18.40
CA GLY A 189 5.08 6.77 -17.93
C GLY A 189 3.78 7.23 -17.32
N ILE A 190 3.66 8.50 -16.94
CA ILE A 190 2.41 9.00 -16.36
C ILE A 190 1.45 9.54 -17.41
N TYR A 191 2.00 10.10 -18.48
CA TYR A 191 1.18 10.71 -19.49
C TYR A 191 0.98 9.96 -20.76
N LYS A 192 1.62 8.80 -20.87
CA LYS A 192 1.42 7.99 -22.06
C LYS A 192 0.74 6.71 -21.56
N ASN A 193 0.08 5.99 -22.47
CA ASN A 193 -0.61 4.75 -22.08
C ASN A 193 0.37 3.73 -21.54
N THR A 194 -0.14 2.85 -20.68
CA THR A 194 0.60 1.78 -20.05
C THR A 194 0.10 0.53 -20.75
N TYR A 195 0.94 -0.05 -21.59
CA TYR A 195 0.56 -1.21 -22.41
C TYR A 195 -0.42 -0.59 -23.41
N ASP A 196 -1.49 -1.29 -23.74
CA ASP A 196 -2.43 -0.72 -24.69
C ASP A 196 -3.64 -0.15 -24.00
N LEU A 197 -3.47 0.19 -22.73
CA LEU A 197 -4.53 0.73 -21.89
C LEU A 197 -4.91 2.23 -21.95
N ALA A 198 -6.18 2.48 -22.28
CA ALA A 198 -6.79 3.83 -22.36
C ALA A 198 -6.50 4.66 -21.11
N ASP A 199 -5.53 5.55 -21.22
CA ASP A 199 -5.08 6.36 -20.08
C ASP A 199 -5.91 7.60 -19.73
N PHE A 200 -6.46 7.62 -18.53
CA PHE A 200 -7.25 8.76 -18.06
C PHE A 200 -6.48 10.07 -17.86
N ASN A 201 -7.15 11.16 -18.24
CA ASN A 201 -6.63 12.52 -18.13
C ASN A 201 -7.32 13.14 -16.91
N HIS A 202 -6.72 12.99 -15.72
CA HIS A 202 -7.32 13.48 -14.46
C HIS A 202 -7.28 15.00 -14.30
N ASN A 203 -7.05 15.70 -15.38
CA ASN A 203 -7.06 17.12 -15.29
C ASN A 203 -8.40 17.58 -15.85
N ASN A 204 -9.23 16.61 -16.24
CA ASN A 204 -10.56 16.84 -16.80
C ASN A 204 -11.48 16.82 -15.59
N ALA A 205 -12.01 17.98 -15.20
CA ALA A 205 -12.86 18.08 -14.02
C ALA A 205 -13.89 16.97 -13.87
N THR A 206 -14.40 16.51 -15.02
CA THR A 206 -15.41 15.45 -15.11
C THR A 206 -14.82 14.12 -14.62
N ILE A 207 -13.58 13.84 -15.01
CA ILE A 207 -12.90 12.61 -14.60
C ILE A 207 -12.57 12.71 -13.11
N ASP A 208 -12.00 13.84 -12.69
CA ASP A 208 -11.63 14.09 -11.29
C ASP A 208 -12.83 13.87 -10.40
N LYS A 209 -13.96 14.41 -10.84
CA LYS A 209 -15.22 14.33 -10.12
C LYS A 209 -15.66 12.87 -10.12
N TYR A 210 -15.65 12.24 -11.29
CA TYR A 210 -16.09 10.86 -11.43
C TYR A 210 -15.49 9.95 -10.39
N PHE A 211 -14.17 9.98 -10.30
CA PHE A 211 -13.45 9.14 -9.39
C PHE A 211 -13.63 9.44 -7.92
N LYS A 212 -13.83 10.69 -7.57
CA LYS A 212 -14.03 10.99 -6.18
C LYS A 212 -15.36 10.41 -5.80
N ASP A 213 -16.31 10.45 -6.74
CA ASP A 213 -17.65 9.95 -6.50
C ASP A 213 -17.73 8.42 -6.49
N ALA A 214 -16.95 7.79 -7.37
CA ALA A 214 -16.91 6.35 -7.52
C ALA A 214 -16.42 5.70 -6.24
N ILE A 215 -15.25 6.13 -5.79
CA ILE A 215 -14.69 5.56 -4.57
C ILE A 215 -15.62 5.76 -3.35
N LYS A 216 -16.34 6.89 -3.31
CA LYS A 216 -17.28 7.16 -2.23
C LYS A 216 -18.25 5.98 -2.13
N LEU A 217 -18.76 5.56 -3.29
CA LEU A 217 -19.70 4.46 -3.38
C LEU A 217 -19.16 3.22 -2.71
N TRP A 218 -17.93 2.82 -3.03
CA TRP A 218 -17.37 1.63 -2.41
C TRP A 218 -17.10 1.76 -0.94
N LEU A 219 -16.79 2.96 -0.48
CA LEU A 219 -16.50 3.17 0.94
C LEU A 219 -17.76 3.06 1.75
N ASP A 220 -18.86 3.56 1.18
CA ASP A 220 -20.17 3.57 1.82
C ASP A 220 -20.74 2.16 1.98
N MET A 221 -20.13 1.22 1.26
CA MET A 221 -20.51 -0.19 1.32
C MET A 221 -19.79 -0.84 2.50
N GLY A 222 -18.73 -0.18 2.97
CA GLY A 222 -17.99 -0.67 4.11
C GLY A 222 -16.62 -1.30 3.92
N VAL A 223 -16.02 -1.12 2.74
CA VAL A 223 -14.69 -1.68 2.48
C VAL A 223 -13.71 -1.14 3.50
N ASP A 224 -12.76 -1.96 3.91
CA ASP A 224 -11.83 -1.46 4.91
C ASP A 224 -10.52 -0.92 4.41
N GLY A 225 -10.27 -1.02 3.11
CA GLY A 225 -9.02 -0.52 2.57
C GLY A 225 -9.03 -0.48 1.04
N ILE A 226 -7.95 0.03 0.46
CA ILE A 226 -7.83 0.15 -1.00
C ILE A 226 -6.39 -0.15 -1.43
N ARG A 227 -6.22 -0.82 -2.56
CA ARG A 227 -4.90 -1.16 -3.11
C ARG A 227 -5.00 -0.39 -4.40
N VAL A 228 -4.26 0.70 -4.52
CA VAL A 228 -4.31 1.49 -5.75
C VAL A 228 -3.33 0.93 -6.78
N ASP A 229 -3.84 0.62 -7.96
CA ASP A 229 -3.05 0.05 -9.04
C ASP A 229 -2.27 1.12 -9.80
N ALA A 230 -1.08 0.75 -10.27
CA ALA A 230 -0.23 1.64 -11.05
C ALA A 230 -0.12 3.11 -10.59
N VAL A 231 0.19 3.33 -9.32
CA VAL A 231 0.33 4.68 -8.75
C VAL A 231 1.55 5.38 -9.39
N LYS A 232 2.42 4.57 -9.98
CA LYS A 232 3.63 5.03 -10.64
C LYS A 232 3.28 5.70 -11.98
N HIS A 233 2.05 5.47 -12.46
CA HIS A 233 1.65 6.05 -13.71
C HIS A 233 0.61 7.13 -13.64
N MET A 234 0.32 7.63 -12.44
CA MET A 234 -0.63 8.75 -12.32
C MET A 234 0.11 9.85 -11.56
N PRO A 235 -0.25 11.12 -11.81
CA PRO A 235 0.42 12.25 -11.14
C PRO A 235 0.23 12.19 -9.62
N LEU A 236 1.31 12.39 -8.86
CA LEU A 236 1.21 12.39 -7.40
C LEU A 236 0.36 13.60 -6.97
N GLY A 237 0.45 14.67 -7.74
CA GLY A 237 -0.32 15.85 -7.45
C GLY A 237 -1.79 15.53 -7.39
N TRP A 238 -2.30 14.83 -8.39
CA TRP A 238 -3.72 14.51 -8.40
C TRP A 238 -4.15 13.50 -7.35
N GLN A 239 -3.35 12.45 -7.19
CA GLN A 239 -3.62 11.37 -6.24
C GLN A 239 -3.69 11.85 -4.81
N LYS A 240 -2.92 12.89 -4.51
CA LYS A 240 -2.89 13.47 -3.18
C LYS A 240 -4.24 14.14 -2.96
N SER A 241 -4.64 14.93 -3.94
CA SER A 241 -5.92 15.61 -3.87
C SER A 241 -7.04 14.57 -3.71
N TRP A 242 -6.96 13.49 -4.49
CA TRP A 242 -7.97 12.42 -4.48
C TRP A 242 -7.98 11.81 -3.09
N MET A 243 -6.79 11.61 -2.56
CA MET A 243 -6.57 11.01 -1.25
C MET A 243 -7.12 11.86 -0.10
N SER A 244 -7.16 13.17 -0.24
CA SER A 244 -7.69 13.97 0.85
C SER A 244 -9.21 14.00 0.84
N SER A 245 -9.81 13.76 -0.33
CA SER A 245 -11.27 13.74 -0.42
C SER A 245 -11.75 12.45 0.20
N ILE A 246 -10.87 11.44 0.20
CA ILE A 246 -11.17 10.14 0.79
C ILE A 246 -11.04 10.26 2.28
N TYR A 247 -9.93 10.83 2.75
CA TYR A 247 -9.74 10.97 4.19
C TYR A 247 -10.76 11.95 4.79
N ALA A 248 -11.40 12.77 3.97
CA ALA A 248 -12.39 13.70 4.50
C ALA A 248 -13.75 13.08 4.66
N HIS A 249 -13.97 11.97 3.94
CA HIS A 249 -15.24 11.28 3.95
C HIS A 249 -15.30 10.08 4.90
N LYS A 250 -14.61 9.01 4.57
CA LYS A 250 -14.56 7.82 5.41
C LYS A 250 -13.15 7.30 5.26
N PRO A 251 -12.23 7.70 6.17
CA PRO A 251 -10.83 7.28 6.12
C PRO A 251 -10.57 5.80 6.23
N VAL A 252 -9.86 5.28 5.24
CA VAL A 252 -9.46 3.89 5.21
C VAL A 252 -7.98 3.80 4.87
N PHE A 253 -7.38 2.68 5.18
CA PHE A 253 -5.96 2.47 4.92
C PHE A 253 -5.71 2.21 3.44
N THR A 254 -5.07 3.17 2.77
CA THR A 254 -4.77 3.06 1.35
C THR A 254 -3.28 2.88 1.10
N PHE A 255 -2.93 1.95 0.22
CA PHE A 255 -1.54 1.69 -0.12
C PHE A 255 -1.51 1.38 -1.61
N GLY A 256 -0.52 1.91 -2.32
CA GLY A 256 -0.45 1.69 -3.74
C GLY A 256 0.76 0.92 -4.23
N GLU A 257 0.70 0.53 -5.50
CA GLU A 257 1.71 -0.26 -6.20
C GLU A 257 2.68 0.56 -7.01
N TRP A 258 3.91 0.68 -6.53
CA TRP A 258 4.97 1.39 -7.24
C TRP A 258 5.95 0.26 -7.49
N PHE A 259 5.86 -0.31 -8.70
CA PHE A 259 6.66 -1.44 -9.05
C PHE A 259 8.10 -1.07 -9.22
N LEU A 260 8.92 -1.77 -8.43
CA LEU A 260 10.37 -1.63 -8.41
C LEU A 260 11.04 -2.97 -8.73
N GLY A 261 12.25 -2.89 -9.28
CA GLY A 261 12.99 -4.09 -9.69
C GLY A 261 14.05 -4.62 -8.75
N SER A 262 14.75 -3.71 -8.08
CA SER A 262 15.78 -4.11 -7.16
C SER A 262 15.39 -3.79 -5.71
N ALA A 263 16.37 -3.80 -4.80
CA ALA A 263 16.11 -3.50 -3.41
C ALA A 263 16.67 -2.13 -3.08
N ALA A 264 17.34 -1.54 -4.07
CA ALA A 264 17.98 -0.24 -3.91
C ALA A 264 17.02 0.91 -3.65
N SER A 265 17.51 1.92 -2.95
CA SER A 265 16.74 3.12 -2.61
C SER A 265 16.32 3.75 -3.94
N ASP A 266 15.17 4.39 -3.96
CA ASP A 266 14.70 5.02 -5.19
C ASP A 266 14.07 6.37 -4.88
N ALA A 267 14.76 7.45 -5.23
CA ALA A 267 14.28 8.81 -4.99
C ALA A 267 12.78 9.02 -5.14
N ASP A 268 12.23 8.73 -6.33
CA ASP A 268 10.80 8.97 -6.60
C ASP A 268 9.83 8.18 -5.74
N ASN A 269 10.14 6.91 -5.57
CA ASN A 269 9.31 5.99 -4.82
C ASN A 269 9.23 6.44 -3.38
N THR A 270 10.33 6.99 -2.89
CA THR A 270 10.39 7.47 -1.52
C THR A 270 9.64 8.81 -1.39
N ASP A 271 9.76 9.70 -2.37
CA ASP A 271 9.03 10.95 -2.26
C ASP A 271 7.55 10.62 -2.28
N PHE A 272 7.19 9.54 -2.95
CA PHE A 272 5.79 9.17 -3.07
C PHE A 272 5.22 8.64 -1.76
N ALA A 273 5.94 7.73 -1.12
CA ALA A 273 5.50 7.16 0.14
C ALA A 273 5.35 8.23 1.20
N ASN A 274 6.23 9.22 1.13
CA ASN A 274 6.25 10.31 2.10
C ASN A 274 5.27 11.48 1.84
N LYS A 275 5.07 11.84 0.58
CA LYS A 275 4.24 12.98 0.21
C LYS A 275 2.82 12.76 -0.33
N SER A 276 2.55 11.59 -0.88
CA SER A 276 1.27 11.30 -1.48
C SER A 276 0.05 11.26 -0.54
N GLY A 277 0.24 10.73 0.66
CA GLY A 277 -0.86 10.61 1.59
C GLY A 277 -1.20 9.12 1.70
N MET A 278 -0.36 8.28 1.09
CA MET A 278 -0.55 6.83 1.10
C MET A 278 0.78 6.08 1.23
N SER A 279 0.69 4.80 1.55
CA SER A 279 1.90 4.00 1.70
C SER A 279 1.99 3.12 0.48
N LEU A 280 3.17 2.59 0.20
CA LEU A 280 3.35 1.75 -0.97
C LEU A 280 3.44 0.27 -0.65
N LEU A 281 3.54 -0.52 -1.71
CA LEU A 281 3.70 -1.95 -1.63
C LEU A 281 5.20 -2.00 -1.64
N ASP A 282 5.75 -2.61 -0.61
CA ASP A 282 7.19 -2.70 -0.41
C ASP A 282 7.93 -3.61 -1.35
N PHE A 283 8.26 -3.10 -2.52
CA PHE A 283 9.01 -3.91 -3.49
C PHE A 283 10.49 -4.11 -3.15
N ARG A 284 11.07 -3.22 -2.35
CA ARG A 284 12.48 -3.35 -1.99
C ARG A 284 12.68 -4.55 -1.07
N PHE A 285 11.70 -4.76 -0.19
CA PHE A 285 11.71 -5.85 0.78
C PHE A 285 11.59 -7.18 0.03
N ASN A 286 10.68 -7.20 -0.92
CA ASN A 286 10.43 -8.38 -1.74
C ASN A 286 11.69 -8.83 -2.49
N SER A 287 12.48 -7.88 -2.99
CA SER A 287 13.69 -8.26 -3.70
C SER A 287 14.68 -8.88 -2.76
N ALA A 288 14.83 -8.26 -1.58
CA ALA A 288 15.78 -8.77 -0.62
C ALA A 288 15.38 -10.21 -0.27
N VAL A 289 14.20 -10.37 0.33
CA VAL A 289 13.66 -11.67 0.69
C VAL A 289 13.82 -12.71 -0.45
N ARG A 290 13.55 -12.32 -1.69
CA ARG A 290 13.66 -13.26 -2.79
C ARG A 290 15.10 -13.61 -3.13
N ASN A 291 16.02 -12.64 -3.00
CA ASN A 291 17.44 -12.82 -3.31
C ASN A 291 18.14 -13.74 -2.33
N VAL A 292 17.73 -13.63 -1.07
CA VAL A 292 18.33 -14.36 0.02
C VAL A 292 17.70 -15.74 0.19
N PHE A 293 16.39 -15.80 0.12
CA PHE A 293 15.68 -17.05 0.33
C PHE A 293 15.39 -17.91 -0.88
N ARG A 294 14.91 -17.30 -1.96
CA ARG A 294 14.55 -18.07 -3.15
C ARG A 294 15.73 -18.26 -4.12
N ASP A 295 16.08 -17.18 -4.80
CA ASP A 295 17.14 -17.09 -5.78
C ASP A 295 18.60 -17.38 -5.37
N ASN A 296 18.98 -17.06 -4.13
CA ASN A 296 20.34 -17.31 -3.62
C ASN A 296 21.38 -16.42 -4.28
N THR A 297 20.96 -15.20 -4.62
CA THR A 297 21.84 -14.21 -5.26
C THR A 297 22.40 -13.14 -4.29
N SER A 298 22.17 -13.33 -2.98
CA SER A 298 22.63 -12.42 -1.91
C SER A 298 22.65 -13.20 -0.62
N ASN A 299 23.21 -12.59 0.42
CA ASN A 299 23.24 -13.24 1.73
C ASN A 299 22.52 -12.37 2.76
N MET A 300 22.58 -12.79 4.03
CA MET A 300 21.91 -12.11 5.15
C MET A 300 22.25 -10.64 5.32
N TYR A 301 23.48 -10.23 4.99
CA TYR A 301 23.88 -8.83 5.11
C TYR A 301 22.98 -7.96 4.18
N ALA A 302 22.46 -8.56 3.11
CA ALA A 302 21.59 -7.81 2.20
C ALA A 302 20.24 -7.56 2.88
N LEU A 303 19.78 -8.51 3.69
CA LEU A 303 18.53 -8.33 4.41
C LEU A 303 18.63 -7.17 5.42
N ASP A 304 19.69 -7.20 6.22
CA ASP A 304 19.94 -6.21 7.25
C ASP A 304 20.02 -4.80 6.67
N SER A 305 20.59 -4.67 5.46
CA SER A 305 20.74 -3.39 4.77
C SER A 305 19.41 -2.83 4.36
N MET A 306 18.56 -3.71 3.86
CA MET A 306 17.25 -3.34 3.39
C MET A 306 16.38 -2.94 4.59
N ILE A 307 16.60 -3.59 5.72
CA ILE A 307 15.84 -3.30 6.92
C ILE A 307 16.20 -1.90 7.45
N ASN A 308 17.51 -1.64 7.50
CA ASN A 308 18.04 -0.39 7.99
C ASN A 308 17.79 0.76 7.04
N SER A 309 17.86 0.48 5.75
CA SER A 309 17.67 1.51 4.75
C SER A 309 16.22 1.98 4.59
N THR A 310 15.29 1.04 4.55
CA THR A 310 13.87 1.36 4.40
C THR A 310 13.31 2.10 5.62
N ALA A 311 13.87 1.86 6.79
CA ALA A 311 13.45 2.56 8.02
C ALA A 311 13.91 4.03 7.92
N THR A 312 14.99 4.26 7.18
CA THR A 312 15.50 5.59 7.05
C THR A 312 14.82 6.39 5.96
N ASP A 313 14.47 5.73 4.86
CA ASP A 313 13.84 6.44 3.77
C ASP A 313 12.34 6.71 3.86
N TYR A 314 11.61 5.91 4.62
CA TYR A 314 10.17 6.10 4.77
C TYR A 314 9.81 6.72 6.12
N ASN A 315 8.99 7.76 6.08
CA ASN A 315 8.54 8.43 7.29
C ASN A 315 7.86 7.41 8.22
N GLN A 316 7.11 6.48 7.64
CA GLN A 316 6.42 5.41 8.38
C GLN A 316 6.70 4.11 7.61
N VAL A 317 7.74 3.39 8.03
CA VAL A 317 8.08 2.12 7.37
C VAL A 317 6.99 1.10 7.64
N ASN A 318 6.24 1.32 8.73
CA ASN A 318 5.19 0.42 9.19
C ASN A 318 3.95 0.34 8.34
N ASP A 319 3.80 1.29 7.43
CA ASP A 319 2.64 1.34 6.56
C ASP A 319 2.87 0.67 5.20
N GLN A 320 4.08 0.15 5.00
CA GLN A 320 4.45 -0.48 3.75
C GLN A 320 3.98 -1.92 3.73
N VAL A 321 3.45 -2.36 2.61
CA VAL A 321 2.93 -3.72 2.53
C VAL A 321 3.93 -4.71 1.96
N THR A 322 4.37 -5.63 2.79
CA THR A 322 5.38 -6.58 2.37
C THR A 322 4.74 -7.83 1.79
N PHE A 323 5.53 -8.56 1.01
CA PHE A 323 5.09 -9.78 0.33
C PHE A 323 6.26 -10.52 -0.33
N ILE A 324 6.21 -11.85 -0.39
CA ILE A 324 7.28 -12.62 -1.02
C ILE A 324 7.09 -12.81 -2.53
N ASP A 325 5.83 -12.73 -2.97
CA ASP A 325 5.51 -12.84 -4.38
C ASP A 325 4.14 -12.23 -4.67
N ASN A 326 3.78 -12.16 -5.95
CA ASN A 326 2.47 -11.67 -6.34
C ASN A 326 2.14 -12.07 -7.77
N HIS A 327 1.02 -11.56 -8.27
CA HIS A 327 0.55 -11.90 -9.60
C HIS A 327 1.34 -11.35 -10.77
N ASP A 328 2.35 -10.54 -10.50
CA ASP A 328 3.17 -9.96 -11.58
C ASP A 328 4.57 -10.50 -11.55
N MET A 329 4.72 -11.68 -10.96
CA MET A 329 6.02 -12.29 -10.89
C MET A 329 5.98 -13.78 -10.69
N ASP A 330 7.12 -14.40 -10.93
CA ASP A 330 7.25 -15.81 -10.75
C ASP A 330 6.88 -16.15 -9.32
N ARG A 331 6.11 -17.20 -9.18
CA ARG A 331 5.68 -17.72 -7.90
C ARG A 331 6.95 -18.11 -7.16
N PHE A 332 6.99 -17.77 -5.88
CA PHE A 332 8.14 -18.08 -5.04
C PHE A 332 8.58 -19.54 -5.12
N LYS A 333 7.61 -20.45 -5.18
CA LYS A 333 7.92 -21.88 -5.20
C LYS A 333 8.31 -22.32 -6.61
N THR A 334 9.41 -23.05 -6.68
CA THR A 334 9.92 -23.53 -7.95
C THR A 334 10.64 -24.83 -7.71
N SER A 335 10.92 -25.53 -8.80
CA SER A 335 11.64 -26.79 -8.76
C SER A 335 12.90 -26.74 -7.87
N ALA A 336 13.76 -25.75 -8.08
CA ALA A 336 15.00 -25.63 -7.28
C ALA A 336 14.74 -25.19 -5.84
N VAL A 337 13.81 -24.26 -5.67
CA VAL A 337 13.46 -23.73 -4.36
C VAL A 337 12.77 -24.70 -3.38
N ASN A 338 13.56 -25.09 -2.39
CA ASN A 338 13.17 -26.03 -1.34
C ASN A 338 11.98 -25.52 -0.58
N ASN A 339 11.13 -26.44 -0.15
CA ASN A 339 9.95 -26.09 0.63
C ASN A 339 10.28 -25.28 1.89
N ARG A 340 11.37 -25.63 2.57
CA ARG A 340 11.75 -24.90 3.78
C ARG A 340 12.08 -23.42 3.54
N ARG A 341 12.64 -23.11 2.37
CA ARG A 341 13.01 -21.74 2.07
C ARG A 341 11.77 -20.87 1.94
N LEU A 342 10.68 -21.46 1.45
CA LEU A 342 9.45 -20.71 1.29
C LEU A 342 8.87 -20.43 2.66
N GLU A 343 8.94 -21.44 3.51
CA GLU A 343 8.43 -21.40 4.88
C GLU A 343 9.15 -20.34 5.72
N GLN A 344 10.44 -20.17 5.43
CA GLN A 344 11.28 -19.20 6.12
C GLN A 344 10.94 -17.80 5.61
N ALA A 345 10.85 -17.63 4.30
CA ALA A 345 10.51 -16.33 3.75
C ALA A 345 9.16 -15.89 4.33
N LEU A 346 8.30 -16.86 4.62
CA LEU A 346 6.99 -16.59 5.19
C LEU A 346 7.11 -16.17 6.64
N ALA A 347 7.96 -16.86 7.40
CA ALA A 347 8.16 -16.55 8.84
C ALA A 347 8.74 -15.15 8.97
N PHE A 348 9.84 -14.94 8.25
CA PHE A 348 10.51 -13.66 8.19
C PHE A 348 9.54 -12.53 7.85
N THR A 349 8.68 -12.77 6.87
CA THR A 349 7.73 -11.74 6.43
C THR A 349 6.68 -11.46 7.47
N LEU A 350 6.15 -12.50 8.09
CA LEU A 350 5.10 -12.32 9.07
C LEU A 350 5.60 -11.65 10.34
N THR A 351 6.88 -11.81 10.64
CA THR A 351 7.42 -11.25 11.87
C THR A 351 8.16 -9.96 11.64
N SER A 352 8.27 -9.55 10.39
CA SER A 352 8.94 -8.29 10.10
C SER A 352 8.02 -7.08 10.19
N ARG A 353 8.61 -5.89 10.04
CA ARG A 353 7.86 -4.64 10.15
C ARG A 353 6.99 -4.36 8.92
N GLY A 354 5.86 -3.69 9.13
CA GLY A 354 4.95 -3.35 8.03
C GLY A 354 3.80 -4.33 7.92
N VAL A 355 2.78 -4.00 7.12
CA VAL A 355 1.61 -4.87 6.92
C VAL A 355 1.96 -5.95 5.90
N PRO A 356 2.03 -7.23 6.35
CA PRO A 356 2.35 -8.38 5.50
C PRO A 356 1.18 -8.82 4.62
N ALA A 357 1.49 -9.34 3.44
CA ALA A 357 0.46 -9.78 2.50
C ALA A 357 0.88 -11.11 1.93
N ILE A 358 -0.09 -12.01 1.73
CA ILE A 358 0.16 -13.37 1.22
C ILE A 358 -0.70 -13.68 0.01
N TYR A 359 -0.05 -13.88 -1.13
CA TYR A 359 -0.73 -14.22 -2.39
C TYR A 359 -1.36 -15.61 -2.17
N TYR A 360 -2.59 -15.76 -2.62
CA TYR A 360 -3.29 -17.03 -2.43
C TYR A 360 -2.55 -18.25 -2.98
N GLY A 361 -2.68 -19.37 -2.27
CA GLY A 361 -2.04 -20.60 -2.70
C GLY A 361 -0.61 -20.76 -2.24
N THR A 362 -0.05 -19.75 -1.60
CA THR A 362 1.32 -19.84 -1.08
C THR A 362 1.32 -20.87 0.03
N GLU A 363 0.21 -20.96 0.75
CA GLU A 363 0.08 -21.93 1.85
C GLU A 363 -0.07 -23.35 1.33
N GLN A 364 -0.10 -23.48 0.02
CA GLN A 364 -0.26 -24.77 -0.64
C GLN A 364 0.87 -25.03 -1.61
N TYR A 365 1.98 -24.32 -1.43
CA TYR A 365 3.15 -24.46 -2.30
C TYR A 365 2.76 -24.50 -3.75
N LEU A 366 1.94 -23.55 -4.16
CA LEU A 366 1.47 -23.46 -5.52
C LEU A 366 2.57 -22.88 -6.38
N THR A 367 2.73 -23.39 -7.60
CA THR A 367 3.77 -22.85 -8.50
C THR A 367 3.18 -22.27 -9.79
N GLY A 368 4.05 -21.65 -10.59
CA GLY A 368 3.65 -21.08 -11.86
C GLY A 368 4.55 -19.90 -12.17
N ASN A 369 5.22 -19.90 -13.32
CA ASN A 369 6.10 -18.79 -13.65
C ASN A 369 5.50 -17.93 -14.74
N GLY A 370 5.50 -16.62 -14.51
CA GLY A 370 4.95 -15.70 -15.49
C GLY A 370 3.44 -15.59 -15.47
N ASP A 371 2.97 -14.51 -16.06
CA ASP A 371 1.55 -14.21 -16.17
C ASP A 371 1.15 -14.95 -17.46
N PRO A 372 0.08 -15.76 -17.43
CA PRO A 372 -0.82 -16.07 -16.32
C PRO A 372 -0.60 -17.31 -15.49
N ASP A 373 0.46 -18.08 -15.72
CA ASP A 373 0.66 -19.30 -14.94
C ASP A 373 0.79 -19.06 -13.46
N ASN A 374 1.08 -17.84 -13.05
CA ASN A 374 1.22 -17.57 -11.62
C ASN A 374 -0.16 -17.41 -11.03
N ARG A 375 -1.14 -17.11 -11.87
CA ARG A 375 -2.52 -16.95 -11.44
C ARG A 375 -3.38 -18.19 -11.66
N ALA A 376 -2.88 -19.35 -11.24
CA ALA A 376 -3.62 -20.61 -11.41
C ALA A 376 -4.73 -20.71 -10.41
N LYS A 377 -5.60 -21.69 -10.58
CA LYS A 377 -6.71 -21.93 -9.65
C LYS A 377 -6.23 -22.53 -8.34
N MET A 378 -6.96 -22.25 -7.26
CA MET A 378 -6.65 -22.77 -5.94
C MET A 378 -6.81 -24.26 -6.13
N PRO A 379 -5.70 -25.01 -6.03
CA PRO A 379 -5.62 -26.45 -6.19
C PRO A 379 -6.28 -27.30 -5.09
N SER A 380 -6.35 -26.79 -3.86
CA SER A 380 -6.98 -27.51 -2.75
C SER A 380 -7.16 -26.57 -1.57
N PHE A 381 -7.94 -26.99 -0.58
CA PHE A 381 -8.16 -26.18 0.61
C PHE A 381 -7.70 -26.93 1.87
N SER A 382 -6.64 -27.73 1.69
CA SER A 382 -6.10 -28.52 2.77
C SER A 382 -5.46 -27.63 3.78
N LYS A 383 -5.78 -27.90 5.03
CA LYS A 383 -5.25 -27.18 6.16
C LYS A 383 -4.18 -28.09 6.81
N SER A 384 -3.40 -28.78 5.97
CA SER A 384 -2.36 -29.69 6.48
C SER A 384 -0.87 -29.44 6.25
N THR A 385 -0.53 -28.56 5.31
CA THR A 385 0.86 -28.24 4.98
C THR A 385 1.62 -27.60 6.13
N THR A 386 2.94 -27.59 6.00
CA THR A 386 3.77 -26.97 7.04
C THR A 386 3.56 -25.46 6.92
N ALA A 387 3.45 -24.96 5.69
CA ALA A 387 3.30 -23.52 5.43
C ALA A 387 2.04 -22.99 6.10
N PHE A 388 1.01 -23.84 6.11
CA PHE A 388 -0.28 -23.50 6.72
C PHE A 388 -0.02 -23.30 8.21
N ASN A 389 0.78 -24.19 8.80
CA ASN A 389 1.10 -24.09 10.22
C ASN A 389 1.81 -22.80 10.56
N VAL A 390 2.87 -22.51 9.81
CA VAL A 390 3.67 -21.32 10.06
C VAL A 390 2.79 -20.06 10.10
N ILE A 391 1.94 -19.95 9.09
CA ILE A 391 1.05 -18.83 8.96
C ILE A 391 0.10 -18.78 10.16
N SER A 392 -0.51 -19.90 10.48
CA SER A 392 -1.49 -19.92 11.57
C SER A 392 -0.93 -19.76 12.97
N LYS A 393 0.37 -19.95 13.13
CA LYS A 393 0.96 -19.80 14.44
C LYS A 393 1.59 -18.40 14.61
N LEU A 394 2.16 -17.88 13.53
CA LEU A 394 2.82 -16.59 13.60
C LEU A 394 1.84 -15.42 13.39
N ALA A 395 0.97 -15.57 12.41
CA ALA A 395 -0.01 -14.53 12.11
C ALA A 395 -0.73 -13.91 13.32
N PRO A 396 -1.23 -14.74 14.27
CA PRO A 396 -1.93 -14.18 15.45
C PRO A 396 -1.05 -13.23 16.26
N LEU A 397 0.26 -13.42 16.19
CA LEU A 397 1.20 -12.57 16.94
C LEU A 397 1.08 -11.09 16.65
N ARG A 398 0.65 -10.75 15.45
CA ARG A 398 0.54 -9.34 15.11
C ARG A 398 -0.52 -8.73 16.00
N LYS A 399 -1.52 -9.54 16.33
CA LYS A 399 -2.64 -9.13 17.17
C LYS A 399 -2.32 -9.19 18.66
N SER A 400 -1.44 -10.10 19.07
CA SER A 400 -1.08 -10.23 20.50
C SER A 400 0.14 -9.45 21.02
N ASN A 401 1.26 -9.51 20.31
CA ASN A 401 2.49 -8.81 20.69
C ASN A 401 2.71 -7.50 19.93
N PRO A 402 2.64 -6.34 20.63
CA PRO A 402 2.82 -5.03 19.97
C PRO A 402 4.19 -4.83 19.34
N ALA A 403 5.19 -5.57 19.79
CA ALA A 403 6.53 -5.46 19.22
C ALA A 403 6.52 -5.96 17.77
N ILE A 404 5.64 -6.90 17.46
CA ILE A 404 5.54 -7.43 16.10
C ILE A 404 4.77 -6.47 15.21
N ALA A 405 3.76 -5.79 15.75
CA ALA A 405 2.96 -4.86 14.94
C ALA A 405 3.63 -3.51 14.77
N TYR A 406 3.89 -2.89 15.91
CA TYR A 406 4.49 -1.56 15.99
C TYR A 406 6.00 -1.47 16.20
N GLY A 407 6.60 -2.54 16.73
CA GLY A 407 8.02 -2.55 17.03
C GLY A 407 9.05 -2.17 15.99
N SER A 408 10.18 -1.71 16.50
CA SER A 408 11.36 -1.31 15.72
C SER A 408 12.20 -2.56 15.48
N THR A 409 13.19 -2.47 14.61
CA THR A 409 14.00 -3.65 14.35
C THR A 409 15.47 -3.45 14.71
N GLN A 410 16.17 -4.53 15.07
CA GLN A 410 17.59 -4.42 15.39
C GLN A 410 18.38 -5.74 15.36
N GLN A 411 19.45 -5.79 14.58
CA GLN A 411 20.23 -7.01 14.49
C GLN A 411 20.98 -7.32 15.79
N ARG A 412 21.01 -8.60 16.14
CA ARG A 412 21.63 -9.08 17.36
C ARG A 412 22.72 -10.12 17.05
N TRP A 413 22.67 -10.68 15.85
CA TRP A 413 23.68 -11.64 15.47
C TRP A 413 23.51 -11.90 13.98
N ILE A 414 24.64 -12.05 13.29
CA ILE A 414 24.58 -12.29 11.86
C ILE A 414 25.89 -12.73 11.23
N ASN A 415 25.72 -13.37 10.07
CA ASN A 415 26.77 -13.81 9.17
C ASN A 415 26.00 -14.20 7.94
N ASN A 416 26.69 -14.55 6.88
CA ASN A 416 26.05 -14.84 5.61
C ASN A 416 24.83 -15.72 5.57
N ASP A 417 24.70 -16.65 6.51
CA ASP A 417 23.56 -17.55 6.49
C ASP A 417 22.58 -17.42 7.64
N VAL A 418 23.03 -16.83 8.73
CA VAL A 418 22.18 -16.65 9.91
C VAL A 418 21.82 -15.19 10.24
N TYR A 419 20.57 -14.92 10.59
CA TYR A 419 20.12 -13.58 10.97
C TYR A 419 19.31 -13.70 12.27
N VAL A 420 19.54 -12.80 13.22
CA VAL A 420 18.80 -12.82 14.49
C VAL A 420 18.41 -11.39 14.76
N TYR A 421 17.13 -11.08 14.61
CA TYR A 421 16.67 -9.73 14.82
C TYR A 421 15.70 -9.60 15.97
N GLU A 422 15.70 -8.41 16.55
CA GLU A 422 14.82 -8.13 17.67
C GLU A 422 13.79 -7.09 17.23
N ARG A 423 12.57 -7.26 17.74
CA ARG A 423 11.45 -6.38 17.42
C ARG A 423 10.97 -5.98 18.80
N LYS A 424 11.02 -4.68 19.12
CA LYS A 424 10.55 -4.26 20.44
C LYS A 424 9.74 -3.00 20.47
N PHE A 425 8.80 -2.99 21.42
CA PHE A 425 7.89 -1.88 21.62
C PHE A 425 7.68 -1.74 23.13
N GLY A 426 8.33 -0.75 23.75
CA GLY A 426 8.19 -0.60 25.18
C GLY A 426 8.81 -1.84 25.84
N LYS A 427 8.02 -2.53 26.65
CA LYS A 427 8.47 -3.73 27.35
C LYS A 427 8.34 -5.02 26.51
N SER A 428 7.44 -5.03 25.52
CA SER A 428 7.18 -6.20 24.66
C SER A 428 8.28 -6.52 23.63
N VAL A 429 8.79 -7.75 23.70
CA VAL A 429 9.88 -8.17 22.83
C VAL A 429 9.64 -9.39 21.94
N ALA A 430 10.33 -9.42 20.80
CA ALA A 430 10.24 -10.52 19.85
C ALA A 430 11.57 -10.73 19.18
N VAL A 431 12.19 -11.88 19.43
CA VAL A 431 13.44 -12.23 18.79
C VAL A 431 13.15 -13.29 17.73
N VAL A 432 13.80 -13.18 16.57
CA VAL A 432 13.61 -14.16 15.51
C VAL A 432 14.98 -14.64 15.10
N ALA A 433 15.11 -15.94 14.88
CA ALA A 433 16.39 -16.52 14.51
C ALA A 433 16.24 -17.34 13.22
N VAL A 434 17.12 -17.11 12.25
CA VAL A 434 17.00 -17.83 10.99
C VAL A 434 18.33 -18.38 10.45
N ASN A 435 18.35 -19.64 10.04
CA ASN A 435 19.55 -20.24 9.44
C ASN A 435 19.13 -20.78 8.08
N ARG A 436 19.36 -20.01 7.01
CA ARG A 436 18.97 -20.45 5.68
C ARG A 436 19.82 -21.60 5.14
N ASN A 437 20.96 -21.87 5.77
CA ASN A 437 21.78 -22.99 5.31
C ASN A 437 20.99 -24.24 5.62
N LEU A 438 20.71 -25.06 4.61
CA LEU A 438 19.91 -26.25 4.80
C LEU A 438 20.71 -27.49 5.13
N SER A 439 22.01 -27.37 5.34
CA SER A 439 22.80 -28.56 5.61
C SER A 439 23.70 -28.48 6.82
N THR A 440 24.03 -27.25 7.21
CA THR A 440 24.94 -27.04 8.32
C THR A 440 24.24 -26.28 9.41
N SER A 441 24.41 -26.71 10.65
CA SER A 441 23.78 -26.01 11.76
C SER A 441 24.70 -24.87 12.20
N ALA A 442 24.37 -24.17 13.27
CA ALA A 442 25.17 -23.02 13.68
C ALA A 442 25.29 -22.90 15.20
N SER A 443 26.49 -22.57 15.67
CA SER A 443 26.75 -22.45 17.10
C SER A 443 26.71 -20.99 17.55
N ILE A 444 25.52 -20.49 17.84
CA ILE A 444 25.35 -19.12 18.28
C ILE A 444 25.82 -18.98 19.73
N THR A 445 26.81 -18.13 19.93
CA THR A 445 27.37 -17.86 21.25
C THR A 445 27.50 -16.35 21.47
N GLY A 446 27.32 -15.90 22.71
CA GLY A 446 27.44 -14.49 23.03
C GLY A 446 26.37 -13.61 22.42
N LEU A 447 25.11 -13.94 22.66
CA LEU A 447 24.01 -13.17 22.08
C LEU A 447 23.12 -12.44 23.10
N SER A 448 23.10 -11.11 23.02
CA SER A 448 22.22 -10.30 23.85
C SER A 448 20.85 -10.10 23.17
N THR A 449 19.84 -9.85 23.99
CA THR A 449 18.48 -9.58 23.56
C THR A 449 17.87 -8.77 24.72
N SER A 450 16.63 -8.35 24.54
CA SER A 450 15.94 -7.57 25.58
C SER A 450 14.87 -8.41 26.23
N LEU A 451 15.04 -9.72 26.15
CA LEU A 451 14.14 -10.64 26.78
C LEU A 451 14.53 -10.60 28.28
N PRO A 452 13.59 -10.27 29.16
CA PRO A 452 13.97 -10.25 30.59
C PRO A 452 14.36 -11.70 31.01
N THR A 453 15.08 -11.81 32.13
CA THR A 453 15.50 -13.13 32.64
C THR A 453 14.33 -14.12 32.64
N GLY A 454 14.55 -15.31 32.09
CA GLY A 454 13.49 -16.33 32.05
C GLY A 454 13.83 -17.43 31.06
N SER A 455 12.91 -18.37 30.85
CA SER A 455 13.14 -19.44 29.88
C SER A 455 12.05 -19.42 28.77
N TYR A 456 12.49 -19.18 27.53
CA TYR A 456 11.63 -19.06 26.36
C TYR A 456 11.36 -20.24 25.44
N THR A 457 10.09 -20.43 25.11
CA THR A 457 9.66 -21.49 24.20
C THR A 457 9.38 -20.94 22.81
N ASP A 458 9.97 -21.61 21.82
CA ASP A 458 9.78 -21.30 20.41
C ASP A 458 8.27 -21.25 20.12
N VAL A 459 7.74 -20.06 19.81
CA VAL A 459 6.30 -19.90 19.49
C VAL A 459 5.81 -20.84 18.41
N LEU A 460 6.70 -21.16 17.47
CA LEU A 460 6.37 -22.11 16.39
C LEU A 460 6.28 -23.57 16.84
N GLY A 461 6.43 -23.84 18.13
CA GLY A 461 6.39 -25.21 18.59
C GLY A 461 7.42 -26.13 17.92
N GLY A 462 8.47 -25.55 17.35
CA GLY A 462 9.50 -26.35 16.73
C GLY A 462 9.19 -26.96 15.37
N VAL A 463 8.07 -26.57 14.74
CA VAL A 463 7.71 -27.12 13.42
C VAL A 463 8.83 -26.94 12.43
N LEU A 464 9.63 -25.87 12.63
CA LEU A 464 10.77 -25.49 11.78
C LEU A 464 12.11 -25.66 12.49
N ASN A 465 12.28 -26.80 13.17
CA ASN A 465 13.52 -27.14 13.87
C ASN A 465 14.06 -26.08 14.80
N GLY A 466 13.13 -25.28 15.35
CA GLY A 466 13.47 -24.24 16.30
C GLY A 466 13.68 -24.84 17.67
N ASN A 467 14.43 -24.12 18.48
CA ASN A 467 14.75 -24.58 19.81
C ASN A 467 14.30 -23.57 20.86
N ASN A 468 14.40 -23.96 22.13
CA ASN A 468 14.00 -23.10 23.23
C ASN A 468 15.23 -22.49 23.86
N ILE A 469 15.08 -21.30 24.43
CA ILE A 469 16.23 -20.64 25.03
C ILE A 469 16.04 -20.12 26.45
N THR A 470 17.16 -19.68 27.03
CA THR A 470 17.15 -19.19 28.38
C THR A 470 17.89 -17.87 28.43
N SER A 471 17.22 -16.87 29.01
CA SER A 471 17.77 -15.56 29.19
C SER A 471 18.20 -15.37 30.66
N THR A 472 19.23 -14.57 30.84
CA THR A 472 19.75 -14.20 32.15
C THR A 472 20.12 -12.75 31.91
N ASN A 473 19.10 -11.89 31.94
CA ASN A 473 19.19 -10.46 31.67
C ASN A 473 19.53 -10.20 30.22
N GLY A 474 18.71 -10.77 29.34
CA GLY A 474 18.96 -10.61 27.91
C GLY A 474 20.11 -11.46 27.39
N SER A 475 21.03 -11.86 28.27
CA SER A 475 22.15 -12.70 27.87
C SER A 475 21.57 -14.09 27.58
N ILE A 476 21.79 -14.55 26.36
CA ILE A 476 21.23 -15.82 25.98
C ILE A 476 22.29 -16.88 26.07
N ASN A 477 21.93 -18.04 26.63
CA ASN A 477 22.87 -19.11 26.77
C ASN A 477 23.33 -19.57 25.39
N ASN A 478 24.46 -20.27 25.34
CA ASN A 478 24.98 -20.80 24.09
C ASN A 478 23.97 -21.82 23.58
N PHE A 479 23.83 -21.93 22.27
CA PHE A 479 22.90 -22.88 21.65
C PHE A 479 23.18 -23.06 20.17
N THR A 480 22.78 -24.22 19.68
CA THR A 480 22.97 -24.57 18.29
C THR A 480 21.69 -24.40 17.50
N LEU A 481 21.71 -23.44 16.58
CA LEU A 481 20.58 -23.19 15.73
C LEU A 481 20.60 -24.31 14.68
N ALA A 482 19.53 -25.10 14.65
CA ALA A 482 19.44 -26.24 13.73
C ALA A 482 19.60 -25.82 12.29
N ALA A 483 19.88 -26.79 11.42
CA ALA A 483 20.05 -26.52 9.99
C ALA A 483 18.67 -26.19 9.38
N GLY A 484 18.57 -25.05 8.71
CA GLY A 484 17.31 -24.64 8.11
C GLY A 484 16.25 -24.26 9.13
N ALA A 485 16.69 -24.12 10.38
CA ALA A 485 15.79 -23.77 11.46
C ALA A 485 15.45 -22.33 11.45
N THR A 486 14.40 -21.99 12.18
CA THR A 486 13.96 -20.64 12.40
C THR A 486 13.05 -20.77 13.61
N ALA A 487 13.36 -19.99 14.65
CA ALA A 487 12.58 -20.07 15.90
C ALA A 487 12.21 -18.69 16.33
N VAL A 488 11.14 -18.58 17.11
CA VAL A 488 10.68 -17.28 17.59
C VAL A 488 10.50 -17.27 19.09
N TRP A 489 11.07 -16.28 19.77
CA TRP A 489 10.90 -16.20 21.20
C TRP A 489 10.26 -14.86 21.53
N GLN A 490 9.41 -14.85 22.54
CA GLN A 490 8.79 -13.59 22.89
C GLN A 490 8.56 -13.33 24.36
N TYR A 491 8.12 -12.11 24.63
CA TYR A 491 7.83 -11.64 25.96
C TYR A 491 6.87 -10.47 25.79
N THR A 492 5.83 -10.45 26.59
CA THR A 492 4.85 -9.39 26.46
C THR A 492 4.26 -9.02 27.82
N THR A 493 4.17 -7.71 28.10
CA THR A 493 3.57 -7.31 29.36
C THR A 493 2.79 -6.02 29.29
N ALA A 494 1.57 -6.08 29.81
CA ALA A 494 0.68 -4.92 29.85
C ALA A 494 1.43 -3.60 30.16
N GLU A 495 1.54 -2.75 29.15
CA GLU A 495 2.21 -1.46 29.28
C GLU A 495 1.40 -0.50 30.21
N THR A 496 2.12 0.29 31.01
CA THR A 496 1.46 1.22 31.96
C THR A 496 1.63 2.71 31.60
N THR A 497 2.78 3.05 31.04
CA THR A 497 3.03 4.42 30.62
C THR A 497 2.60 4.48 29.13
N PRO A 498 2.07 5.63 28.70
CA PRO A 498 1.61 5.80 27.32
C PRO A 498 2.69 5.62 26.28
N THR A 499 2.26 5.16 25.11
CA THR A 499 3.17 4.97 24.01
C THR A 499 2.42 4.70 22.70
N ILE A 500 2.58 5.64 21.78
CA ILE A 500 1.98 5.57 20.46
C ILE A 500 2.74 4.57 19.57
N GLY A 501 2.00 3.80 18.79
CA GLY A 501 2.59 2.83 17.89
C GLY A 501 2.31 3.11 16.43
N HIS A 502 1.13 3.63 16.15
CA HIS A 502 0.76 3.96 14.79
C HIS A 502 -0.32 5.03 14.78
N VAL A 503 -0.28 5.89 13.76
CA VAL A 503 -1.27 6.96 13.56
C VAL A 503 -1.70 6.85 12.11
N GLY A 504 -2.98 7.06 11.86
CA GLY A 504 -3.47 6.96 10.51
C GLY A 504 -4.88 7.47 10.36
N PRO A 505 -5.17 8.22 9.28
CA PRO A 505 -4.18 8.52 8.26
C PRO A 505 -3.18 9.49 8.84
N VAL A 506 -2.14 9.81 8.07
CA VAL A 506 -1.12 10.73 8.54
C VAL A 506 -1.14 12.00 7.70
N MET A 507 -2.34 12.41 7.29
CA MET A 507 -2.53 13.62 6.49
C MET A 507 -3.99 13.99 6.59
N GLY A 508 -4.31 15.28 6.45
CA GLY A 508 -5.71 15.69 6.52
C GLY A 508 -6.00 17.12 6.91
N LYS A 509 -7.18 17.62 6.50
CA LYS A 509 -7.59 18.99 6.82
C LYS A 509 -8.08 19.04 8.27
N PRO A 510 -7.93 20.20 8.95
CA PRO A 510 -8.41 20.27 10.33
C PRO A 510 -9.91 20.00 10.27
N GLY A 511 -10.40 19.20 11.20
CA GLY A 511 -11.82 18.87 11.20
C GLY A 511 -12.05 17.41 10.92
N ASN A 512 -10.98 16.71 10.51
CA ASN A 512 -11.08 15.28 10.24
C ASN A 512 -10.78 14.51 11.52
N VAL A 513 -10.81 13.19 11.44
CA VAL A 513 -10.55 12.33 12.59
C VAL A 513 -9.40 11.42 12.19
N VAL A 514 -8.43 11.28 13.08
CA VAL A 514 -7.31 10.41 12.82
C VAL A 514 -7.34 9.44 13.97
N THR A 515 -6.74 8.27 13.79
CA THR A 515 -6.73 7.23 14.82
C THR A 515 -5.33 6.99 15.34
N ILE A 516 -5.16 7.26 16.63
CA ILE A 516 -3.88 7.07 17.28
C ILE A 516 -3.87 5.74 18.05
N ASP A 517 -3.40 4.69 17.39
CA ASP A 517 -3.33 3.37 18.01
C ASP A 517 -2.08 3.23 18.84
N GLY A 518 -2.15 2.53 19.96
CA GLY A 518 -1.00 2.35 20.84
C GLY A 518 -1.23 1.48 22.07
N ARG A 519 -0.48 1.76 23.13
CA ARG A 519 -0.60 0.99 24.38
C ARG A 519 -0.40 1.92 25.54
N GLY A 520 -0.74 1.41 26.73
CA GLY A 520 -0.56 2.15 27.96
C GLY A 520 -1.14 3.55 28.06
N PHE A 521 -2.14 3.85 27.22
CA PHE A 521 -2.77 5.17 27.26
C PHE A 521 -3.46 5.26 28.61
N GLY A 522 -4.72 4.84 28.65
CA GLY A 522 -5.45 4.88 29.90
C GLY A 522 -6.92 5.02 29.58
N SER A 523 -7.75 4.90 30.61
CA SER A 523 -9.18 5.01 30.46
C SER A 523 -9.66 6.45 30.50
N THR A 524 -8.87 7.36 31.08
CA THR A 524 -9.34 8.74 31.18
C THR A 524 -8.87 9.68 30.11
N LYS A 525 -9.87 10.24 29.39
CA LYS A 525 -9.65 11.18 28.29
C LYS A 525 -8.67 12.26 28.70
N GLY A 526 -7.49 12.17 28.12
CA GLY A 526 -6.42 13.09 28.41
C GLY A 526 -6.22 14.20 27.39
N THR A 527 -4.98 14.38 26.96
CA THR A 527 -4.66 15.45 26.03
C THR A 527 -3.75 15.09 24.85
N VAL A 528 -4.28 15.26 23.63
CA VAL A 528 -3.56 15.02 22.39
C VAL A 528 -2.86 16.33 22.01
N TYR A 529 -1.70 16.23 21.38
CA TYR A 529 -0.94 17.41 20.99
C TYR A 529 -0.47 17.34 19.58
N PHE A 530 -0.85 18.31 18.77
CA PHE A 530 -0.31 18.35 17.43
C PHE A 530 0.82 19.37 17.55
N GLY A 531 1.99 18.83 17.87
CA GLY A 531 3.16 19.66 18.09
C GLY A 531 3.05 20.29 19.48
N THR A 532 2.89 21.61 19.49
CA THR A 532 2.74 22.36 20.72
C THR A 532 1.26 22.59 21.06
N THR A 533 0.38 22.49 20.07
CA THR A 533 -1.05 22.73 20.25
C THR A 533 -1.79 21.56 20.95
N ALA A 534 -2.47 21.88 22.05
CA ALA A 534 -3.23 20.90 22.83
C ALA A 534 -4.65 20.63 22.30
N VAL A 535 -5.16 19.44 22.62
CA VAL A 535 -6.49 19.00 22.19
C VAL A 535 -7.10 18.24 23.35
N THR A 536 -8.36 18.53 23.64
CA THR A 536 -9.05 17.91 24.77
C THR A 536 -10.58 17.83 24.61
N GLY A 537 -11.22 17.33 25.67
CA GLY A 537 -12.68 17.26 25.70
C GLY A 537 -13.45 16.63 24.56
N ALA A 538 -14.23 17.45 23.86
CA ALA A 538 -15.06 16.98 22.75
C ALA A 538 -14.25 16.62 21.51
N ALA A 539 -13.16 17.37 21.33
CA ALA A 539 -12.26 17.15 20.20
C ALA A 539 -11.82 15.69 20.17
N ILE A 540 -11.68 15.07 21.34
CA ILE A 540 -11.30 13.67 21.40
C ILE A 540 -12.59 12.85 21.48
N THR A 541 -12.95 12.19 20.40
CA THR A 541 -14.17 11.40 20.36
C THR A 541 -14.17 10.09 21.16
N SER A 542 -13.03 9.41 21.22
CA SER A 542 -12.87 8.15 21.99
C SER A 542 -11.52 8.18 22.68
N TRP A 543 -11.38 7.38 23.74
CA TRP A 543 -10.12 7.29 24.49
C TRP A 543 -10.14 5.98 25.30
N GLU A 544 -9.19 5.09 24.97
CA GLU A 544 -9.04 3.80 25.63
C GLU A 544 -7.56 3.53 25.83
N ASP A 545 -7.23 2.50 26.60
CA ASP A 545 -5.83 2.19 26.83
C ASP A 545 -5.12 1.83 25.53
N THR A 546 -5.86 1.23 24.60
CA THR A 546 -5.29 0.82 23.33
C THR A 546 -5.51 1.72 22.14
N GLN A 547 -6.44 2.68 22.18
CA GLN A 547 -6.68 3.52 20.98
C GLN A 547 -7.44 4.83 21.13
N ILE A 548 -6.82 5.94 20.77
CA ILE A 548 -7.51 7.24 20.83
C ILE A 548 -8.04 7.65 19.43
N LYS A 549 -9.08 8.50 19.40
CA LYS A 549 -9.66 9.01 18.14
C LYS A 549 -9.87 10.52 18.29
N VAL A 550 -9.10 11.30 17.54
CA VAL A 550 -9.18 12.74 17.69
C VAL A 550 -9.51 13.56 16.46
N THR A 551 -9.99 14.77 16.69
CA THR A 551 -10.33 15.68 15.62
C THR A 551 -9.18 16.65 15.41
N ILE A 552 -8.56 16.57 14.23
CA ILE A 552 -7.45 17.43 13.84
C ILE A 552 -7.78 18.90 14.12
N PRO A 553 -6.99 19.55 15.00
CA PRO A 553 -7.23 20.97 15.35
C PRO A 553 -7.15 21.92 14.15
N SER A 554 -7.76 23.08 14.26
CA SER A 554 -7.74 24.05 13.17
C SER A 554 -6.54 24.96 13.31
N VAL A 555 -5.38 24.50 12.82
CA VAL A 555 -4.13 25.26 12.89
C VAL A 555 -3.33 25.22 11.57
N ALA A 556 -2.45 26.21 11.40
CA ALA A 556 -1.58 26.38 10.23
C ALA A 556 -1.15 25.09 9.54
N ALA A 557 -1.47 24.93 8.26
CA ALA A 557 -1.07 23.69 7.56
C ALA A 557 0.43 23.47 7.74
N GLY A 558 0.84 22.21 7.84
CA GLY A 558 2.24 21.90 7.98
C GLY A 558 2.57 20.58 8.64
N ASN A 559 3.85 20.30 8.72
CA ASN A 559 4.36 19.10 9.32
C ASN A 559 4.29 19.26 10.83
N TYR A 560 3.83 18.21 11.51
CA TYR A 560 3.68 18.22 12.95
C TYR A 560 3.95 16.86 13.57
N ALA A 561 4.45 16.88 14.81
CA ALA A 561 4.70 15.64 15.51
C ALA A 561 3.41 15.40 16.30
N VAL A 562 3.14 14.15 16.64
CA VAL A 562 1.94 13.83 17.40
C VAL A 562 2.29 13.18 18.74
N LYS A 563 1.94 13.87 19.84
CA LYS A 563 2.19 13.38 21.19
C LYS A 563 0.86 13.08 21.87
N VAL A 564 0.89 12.20 22.86
CA VAL A 564 -0.29 11.90 23.65
C VAL A 564 0.13 11.98 25.11
N ALA A 565 -0.72 12.62 25.93
CA ALA A 565 -0.42 12.77 27.36
C ALA A 565 -1.42 12.03 28.25
N ALA A 566 -0.96 10.94 28.85
CA ALA A 566 -1.79 10.14 29.74
C ALA A 566 -1.53 10.56 31.17
N SER A 567 -2.48 11.31 31.72
CA SER A 567 -2.38 11.79 33.09
C SER A 567 -0.96 12.27 33.49
N GLY A 568 -0.61 13.46 32.97
CA GLY A 568 0.67 14.09 33.22
C GLY A 568 1.88 13.37 32.71
N VAL A 569 1.68 12.42 31.81
CA VAL A 569 2.79 11.65 31.27
C VAL A 569 2.87 11.82 29.74
N ASN A 570 3.97 12.37 29.25
CA ASN A 570 4.17 12.56 27.80
C ASN A 570 4.75 11.29 27.16
N SER A 571 4.20 10.93 25.99
CA SER A 571 4.64 9.72 25.28
C SER A 571 5.62 10.08 24.15
N ASN A 572 6.05 9.06 23.44
CA ASN A 572 6.94 9.26 22.31
C ASN A 572 6.15 9.99 21.24
N ALA A 573 6.88 10.68 20.36
CA ALA A 573 6.27 11.45 19.29
C ALA A 573 6.17 10.68 17.96
N TYR A 574 5.08 10.92 17.24
CA TYR A 574 4.87 10.28 15.95
C TYR A 574 5.12 11.42 14.99
N ASN A 575 6.32 11.51 14.44
CA ASN A 575 6.64 12.62 13.55
C ASN A 575 6.04 12.51 12.16
N ASN A 576 6.09 13.61 11.42
CA ASN A 576 5.58 13.71 10.06
C ASN A 576 4.09 13.60 9.88
N PHE A 577 3.39 14.48 10.57
CA PHE A 577 1.96 14.50 10.44
C PHE A 577 1.64 15.71 9.61
N THR A 578 1.14 15.48 8.42
CA THR A 578 0.80 16.58 7.53
C THR A 578 -0.62 17.11 7.72
N ILE A 579 -0.72 18.40 7.99
CA ILE A 579 -2.01 19.05 8.15
C ILE A 579 -2.19 19.93 6.92
N LEU A 580 -3.28 19.71 6.20
CA LEU A 580 -3.57 20.49 5.00
C LEU A 580 -4.37 21.74 5.33
N THR A 581 -4.20 22.77 4.51
CA THR A 581 -4.93 24.03 4.62
C THR A 581 -6.46 23.86 4.53
N GLY A 582 -6.93 22.74 3.98
CA GLY A 582 -8.35 22.44 3.84
C GLY A 582 -8.62 21.65 2.55
N ASP A 583 -9.88 21.59 2.09
CA ASP A 583 -10.21 20.87 0.86
C ASP A 583 -9.22 21.13 -0.26
N GLN A 584 -8.78 20.07 -0.93
CA GLN A 584 -7.79 20.19 -2.01
C GLN A 584 -8.40 20.05 -3.39
N VAL A 585 -7.73 20.62 -4.40
CA VAL A 585 -8.11 20.55 -5.82
C VAL A 585 -6.76 20.37 -6.54
N THR A 586 -6.76 19.66 -7.67
CA THR A 586 -5.50 19.49 -8.39
C THR A 586 -5.40 20.68 -9.30
N VAL A 587 -4.18 21.15 -9.55
CA VAL A 587 -3.96 22.33 -10.40
C VAL A 587 -2.69 22.13 -11.24
N ARG A 588 -2.79 22.36 -12.54
CA ARG A 588 -1.66 22.23 -13.41
C ARG A 588 -0.98 23.56 -13.63
N PHE A 589 0.24 23.71 -13.10
CA PHE A 589 0.99 24.93 -13.30
C PHE A 589 1.86 24.82 -14.53
N VAL A 590 1.75 25.80 -15.42
CA VAL A 590 2.54 25.81 -16.66
C VAL A 590 3.35 27.10 -16.76
N VAL A 591 4.59 27.00 -17.23
CA VAL A 591 5.46 28.16 -17.37
C VAL A 591 6.18 28.18 -18.71
N ASN A 592 6.04 29.30 -19.43
CA ASN A 592 6.61 29.43 -20.73
C ASN A 592 8.02 30.00 -20.74
N ASN A 593 8.73 29.63 -21.82
CA ASN A 593 10.11 30.01 -22.03
C ASN A 593 10.92 30.18 -20.77
N ALA A 594 11.11 29.05 -20.10
CA ALA A 594 11.91 28.96 -18.89
C ALA A 594 13.13 28.19 -19.36
N SER A 595 14.07 28.89 -19.95
CA SER A 595 15.28 28.25 -20.41
C SER A 595 16.09 27.91 -19.17
N THR A 596 16.89 26.86 -19.29
CA THR A 596 17.71 26.41 -18.19
C THR A 596 18.97 25.81 -18.79
N THR A 597 20.03 25.78 -18.00
CA THR A 597 21.24 25.17 -18.48
C THR A 597 21.20 23.66 -18.19
N LEU A 598 22.31 23.02 -18.54
CA LEU A 598 22.54 21.61 -18.34
C LEU A 598 22.59 21.24 -16.85
N GLY A 599 21.71 20.32 -16.48
CA GLY A 599 21.58 19.86 -15.10
C GLY A 599 20.79 20.80 -14.22
N GLN A 600 20.29 21.89 -14.80
CA GLN A 600 19.50 22.87 -14.05
C GLN A 600 18.02 22.49 -14.17
N ASN A 601 17.35 22.38 -13.03
CA ASN A 601 15.94 21.97 -12.99
C ASN A 601 14.98 23.00 -12.43
N LEU A 602 13.74 22.99 -12.93
CA LEU A 602 12.73 23.96 -12.47
C LEU A 602 11.94 23.43 -11.28
N TYR A 603 11.48 24.33 -10.43
CA TYR A 603 10.73 23.96 -9.22
C TYR A 603 9.68 25.00 -8.94
N LEU A 604 8.82 24.73 -7.98
CA LEU A 604 7.76 25.66 -7.68
C LEU A 604 7.50 25.77 -6.20
N THR A 605 7.25 27.01 -5.75
CA THR A 605 6.99 27.25 -4.33
C THR A 605 6.06 28.43 -4.20
N GLY A 606 5.22 28.42 -3.17
CA GLY A 606 4.26 29.50 -2.98
C GLY A 606 3.99 29.92 -1.54
N ASN A 607 2.86 30.60 -1.32
CA ASN A 607 2.53 31.07 0.01
C ASN A 607 1.58 30.20 0.88
N VAL A 608 1.71 28.87 0.77
CA VAL A 608 0.92 27.92 1.58
C VAL A 608 1.75 26.65 1.75
N ALA A 609 1.51 25.91 2.82
CA ALA A 609 2.24 24.66 3.07
C ALA A 609 2.17 23.70 1.89
N GLU A 610 1.01 23.59 1.23
CA GLU A 610 0.88 22.69 0.08
C GLU A 610 1.92 22.94 -1.00
N LEU A 611 2.42 24.18 -1.10
CA LEU A 611 3.46 24.54 -2.07
C LEU A 611 4.86 24.66 -1.44
N GLY A 612 4.93 24.53 -0.11
CA GLY A 612 6.20 24.58 0.59
C GLY A 612 6.51 25.79 1.44
N ASN A 613 5.70 26.84 1.30
CA ASN A 613 5.90 28.07 2.06
C ASN A 613 7.26 28.75 1.83
N TRP A 614 7.44 29.24 0.62
CA TRP A 614 8.65 29.94 0.20
C TRP A 614 9.93 29.14 0.42
N SER A 615 9.76 27.83 0.48
CA SER A 615 10.85 26.91 0.68
C SER A 615 11.49 26.48 -0.64
N THR A 616 12.77 26.13 -0.59
CA THR A 616 13.48 25.64 -1.79
C THR A 616 14.04 24.27 -1.47
N GLY A 617 13.56 23.67 -0.39
CA GLY A 617 14.07 22.38 0.02
C GLY A 617 13.31 21.20 -0.50
N SER A 618 12.91 20.34 0.42
CA SER A 618 12.17 19.14 0.05
C SER A 618 10.68 19.43 0.09
N THR A 619 10.32 20.54 0.73
CA THR A 619 8.92 20.91 0.78
C THR A 619 8.54 21.58 -0.54
N ALA A 620 9.54 21.87 -1.37
CA ALA A 620 9.28 22.48 -2.65
C ALA A 620 8.64 21.49 -3.63
N ILE A 621 8.13 22.02 -4.73
CA ILE A 621 7.46 21.22 -5.75
C ILE A 621 8.28 21.08 -7.02
N GLY A 622 8.73 19.85 -7.32
CA GLY A 622 9.51 19.62 -8.51
C GLY A 622 10.34 18.36 -8.44
N PRO A 623 11.23 18.12 -9.43
CA PRO A 623 11.42 19.06 -10.55
C PRO A 623 10.18 19.02 -11.42
N ALA A 624 10.05 20.00 -12.30
CA ALA A 624 8.88 20.02 -13.21
C ALA A 624 9.03 19.08 -14.43
N PHE A 625 8.03 19.11 -15.29
CA PHE A 625 8.03 18.28 -16.49
C PHE A 625 8.19 19.15 -17.74
N ASN A 626 8.93 18.65 -18.71
CA ASN A 626 9.13 19.43 -19.91
C ASN A 626 9.10 18.61 -21.19
N GLN A 627 8.41 17.47 -21.19
CA GLN A 627 8.38 16.60 -22.38
C GLN A 627 7.05 16.25 -23.07
N VAL A 628 6.23 15.45 -22.40
CA VAL A 628 4.95 15.02 -22.95
C VAL A 628 3.84 16.05 -23.14
N ILE A 629 3.16 16.47 -22.07
CA ILE A 629 2.07 17.43 -22.22
C ILE A 629 2.51 18.80 -22.72
N HIS A 630 3.62 19.30 -22.21
CA HIS A 630 4.18 20.57 -22.64
C HIS A 630 5.66 20.32 -22.87
N GLN A 631 6.25 20.98 -23.86
CA GLN A 631 7.67 20.74 -24.17
C GLN A 631 8.61 21.88 -23.76
N TYR A 632 9.86 21.55 -23.43
CA TYR A 632 10.86 22.53 -23.00
C TYR A 632 11.05 23.50 -24.14
N PRO A 633 11.23 24.80 -23.84
CA PRO A 633 11.29 25.51 -22.56
C PRO A 633 10.03 25.65 -21.72
N THR A 634 8.90 25.15 -22.18
CA THR A 634 7.68 25.22 -21.36
C THR A 634 7.68 24.05 -20.38
N TRP A 635 7.57 24.33 -19.09
CA TRP A 635 7.54 23.29 -18.06
C TRP A 635 6.13 23.23 -17.47
N TYR A 636 5.83 22.19 -16.69
CA TYR A 636 4.50 22.06 -16.11
C TYR A 636 4.49 20.99 -15.03
N TYR A 637 3.53 21.07 -14.13
CA TYR A 637 3.41 20.11 -13.05
C TYR A 637 2.03 20.17 -12.43
N ASP A 638 1.53 18.98 -12.07
CA ASP A 638 0.23 18.82 -11.46
C ASP A 638 0.49 18.76 -9.98
N VAL A 639 -0.19 19.64 -9.25
CA VAL A 639 0.01 19.83 -7.81
C VAL A 639 -1.30 19.90 -7.01
N SER A 640 -1.28 19.46 -5.75
CA SER A 640 -2.49 19.50 -4.91
C SER A 640 -2.50 20.77 -4.01
N VAL A 641 -3.37 21.68 -4.37
CA VAL A 641 -3.49 22.97 -3.70
C VAL A 641 -4.81 23.16 -2.94
N PRO A 642 -4.84 24.07 -1.93
CA PRO A 642 -6.09 24.30 -1.19
C PRO A 642 -7.14 24.87 -2.14
N ALA A 643 -8.41 24.52 -1.92
CA ALA A 643 -9.48 24.98 -2.80
C ALA A 643 -10.05 26.32 -2.37
N GLY A 644 -10.37 27.12 -3.39
CA GLY A 644 -10.94 28.46 -3.21
C GLY A 644 -9.99 29.34 -2.44
N LYS A 645 -8.76 29.47 -2.93
CA LYS A 645 -7.76 30.23 -2.21
C LYS A 645 -6.83 31.03 -3.10
N GLN A 646 -6.66 32.29 -2.75
CA GLN A 646 -5.77 33.22 -3.42
C GLN A 646 -4.33 32.67 -3.20
N LEU A 647 -3.58 32.55 -4.27
CA LEU A 647 -2.25 32.00 -4.11
C LEU A 647 -1.20 32.87 -4.74
N GLU A 648 0.01 32.74 -4.21
CA GLU A 648 1.16 33.49 -4.70
C GLU A 648 2.23 32.44 -4.97
N PHE A 649 3.08 32.69 -5.96
CA PHE A 649 4.11 31.70 -6.25
C PHE A 649 5.09 32.12 -7.27
N LYS A 650 6.27 31.52 -7.17
CA LYS A 650 7.35 31.74 -8.11
C LYS A 650 8.00 30.40 -8.46
N PHE A 651 8.73 30.40 -9.56
CA PHE A 651 9.43 29.23 -10.03
C PHE A 651 10.90 29.55 -9.75
N PHE A 652 11.77 28.55 -9.75
CA PHE A 652 13.18 28.80 -9.54
C PHE A 652 13.96 27.65 -10.09
N LYS A 653 15.15 27.94 -10.60
CA LYS A 653 16.01 26.92 -11.16
C LYS A 653 16.98 26.56 -10.05
N LYS A 654 17.29 25.26 -9.92
CA LYS A 654 18.19 24.75 -8.88
C LYS A 654 19.16 23.77 -9.53
N ASN A 655 20.24 24.28 -10.12
CA ASN A 655 21.23 23.40 -10.76
C ASN A 655 22.12 22.67 -9.75
N GLY A 656 23.11 23.37 -9.21
CA GLY A 656 23.96 22.76 -8.20
C GLY A 656 23.36 23.24 -6.90
N SER A 657 24.23 23.67 -6.00
CA SER A 657 23.82 24.17 -4.68
C SER A 657 23.09 25.53 -4.79
N THR A 658 23.21 26.21 -5.96
CA THR A 658 22.59 27.53 -6.19
C THR A 658 21.16 27.68 -6.82
N ILE A 659 20.47 28.69 -6.28
CA ILE A 659 19.10 29.04 -6.62
C ILE A 659 19.00 30.38 -7.36
N THR A 660 18.10 30.44 -8.33
CA THR A 660 17.87 31.68 -9.07
C THR A 660 16.36 31.79 -9.32
N TRP A 661 15.75 32.78 -8.69
CA TRP A 661 14.30 33.01 -8.76
C TRP A 661 13.88 33.81 -9.97
N GLU A 662 12.63 33.63 -10.38
CA GLU A 662 12.15 34.42 -11.49
C GLU A 662 11.95 35.77 -10.83
N SER A 663 12.35 36.83 -11.52
CA SER A 663 12.24 38.17 -10.97
C SER A 663 10.84 38.79 -10.93
N GLY A 664 10.79 40.05 -10.51
CA GLY A 664 9.55 40.78 -10.43
C GLY A 664 8.66 40.30 -9.32
N SER A 665 7.37 40.63 -9.44
CA SER A 665 6.34 40.27 -8.46
C SER A 665 5.81 38.84 -8.58
N ASN A 666 5.46 38.26 -7.44
CA ASN A 666 4.89 36.90 -7.38
C ASN A 666 3.71 36.74 -8.32
N HIS A 667 3.55 35.55 -8.88
CA HIS A 667 2.40 35.28 -9.73
C HIS A 667 1.24 34.99 -8.78
N THR A 668 0.02 35.33 -9.19
CA THR A 668 -1.16 35.10 -8.35
C THR A 668 -2.23 34.28 -9.04
N PHE A 669 -3.00 33.54 -8.24
CA PHE A 669 -4.04 32.67 -8.76
C PHE A 669 -4.99 32.26 -7.67
N THR A 670 -6.27 32.31 -7.97
CA THR A 670 -7.28 31.93 -7.00
C THR A 670 -7.80 30.63 -7.56
N THR A 671 -7.80 29.59 -6.73
CA THR A 671 -8.21 28.25 -7.14
C THR A 671 -9.70 27.98 -7.04
N PRO A 672 -10.21 27.05 -7.87
CA PRO A 672 -11.63 26.72 -7.85
C PRO A 672 -12.07 26.15 -6.51
N ALA A 673 -13.37 26.08 -6.32
CA ALA A 673 -13.97 25.56 -5.11
C ALA A 673 -13.96 24.04 -5.11
N SER A 674 -13.79 23.47 -6.29
CA SER A 674 -13.76 22.02 -6.47
C SER A 674 -13.37 21.69 -7.91
N GLY A 675 -12.66 20.58 -8.07
CA GLY A 675 -12.28 20.19 -9.41
C GLY A 675 -10.82 20.34 -9.70
N THR A 676 -10.53 20.74 -10.93
CA THR A 676 -9.17 20.90 -11.38
C THR A 676 -9.11 22.15 -12.23
N ALA A 677 -7.92 22.69 -12.46
CA ALA A 677 -7.75 23.88 -13.31
C ALA A 677 -6.30 23.94 -13.82
N THR A 678 -6.11 24.58 -14.98
CA THR A 678 -4.78 24.77 -15.55
C THR A 678 -4.43 26.26 -15.45
N VAL A 679 -3.30 26.63 -14.83
CA VAL A 679 -2.89 28.04 -14.81
C VAL A 679 -1.54 28.25 -15.55
N THR A 680 -1.52 29.17 -16.52
CA THR A 680 -0.31 29.44 -17.32
C THR A 680 0.29 30.81 -17.09
N VAL A 681 1.62 30.85 -17.01
CA VAL A 681 2.32 32.11 -16.77
C VAL A 681 3.66 32.11 -17.49
N ASN A 682 4.29 33.28 -17.59
CA ASN A 682 5.59 33.34 -18.23
C ASN A 682 6.68 33.61 -17.21
N TRP A 683 7.84 33.02 -17.46
CA TRP A 683 8.98 33.17 -16.57
C TRP A 683 9.48 34.60 -16.54
N GLN A 684 9.11 35.32 -15.47
CA GLN A 684 9.57 36.68 -15.26
C GLN A 684 11.08 36.74 -15.11
C1 GLC B . 9.94 -2.72 -14.68
C2 GLC B . 9.22 -1.30 -14.54
C3 GLC B . 7.82 -1.37 -13.89
C4 GLC B . 7.02 -2.47 -14.54
C5 GLC B . 7.79 -3.74 -14.35
C6 GLC B . 7.06 -5.01 -14.68
O1 GLC B . 10.28 -3.17 -13.42
O2 GLC B . 10.03 -0.44 -13.75
O3 GLC B . 7.15 -0.14 -14.03
O4 GLC B . 5.70 -2.56 -13.95
O5 GLC B . 8.97 -3.69 -15.16
O6 GLC B . 6.78 -5.08 -16.04
C1 DAG B . 4.62 -2.16 -14.75
C2 DAG B . 3.74 -1.19 -14.01
C3 DAG B . 2.80 -1.89 -13.00
C4 DAG B . 2.07 -3.03 -13.62
C5 DAG B . 3.08 -4.00 -14.20
C6 DAG B . 2.42 -5.19 -14.88
O2 DAG B . 4.58 -0.32 -13.33
O3 DAG B . 1.85 -0.95 -12.53
N4 DAG B . 1.24 -3.72 -12.66
O5 DAG B . 3.89 -3.34 -15.23
C1 GLC C . -3.25 -6.21 -16.03
C2 GLC C . -3.32 -7.68 -16.10
C3 GLC C . -2.15 -8.23 -16.90
C4 GLC C . -2.17 -7.66 -18.30
C5 GLC C . -2.17 -6.10 -18.19
C6 GLC C . -2.28 -5.36 -19.52
O2 GLC C . -3.31 -8.21 -14.80
O3 GLC C . -2.23 -9.63 -16.96
O4 GLC C . -0.96 -8.10 -19.00
O5 GLC C . -3.28 -5.65 -17.36
O6 GLC C . -3.48 -5.68 -20.22
C1 DAG C . -0.95 -9.32 -19.65
C2 DAG C . 0.50 -9.64 -20.14
C3 DAG C . 0.93 -8.62 -21.20
C4 DAG C . -0.15 -8.49 -22.30
C5 DAG C . -1.51 -8.22 -21.68
C6 DAG C . -2.61 -8.15 -22.71
O2 DAG C . 1.40 -9.61 -19.03
O3 DAG C . 2.16 -9.06 -21.80
N4 DAG C . 0.21 -7.39 -23.15
O5 DAG C . -1.85 -9.28 -20.75
C1 OPG D . -0.19 -3.37 -12.41
C2 OPG D . -0.96 -4.61 -11.97
O2 OPG D . -0.28 -5.27 -10.90
C3 OPG D . -1.11 -5.58 -13.14
O3 OPG D . -1.61 -6.81 -12.61
C4 OPG D . -2.13 -5.03 -14.20
O4 OPG D . -2.07 -5.84 -15.40
C5 OPG D . -1.83 -3.53 -14.59
O8 OPG D . -0.53 -3.12 -15.02
C7 OPG D . -3.06 -2.76 -15.02
C6 OPG D . -0.89 -2.77 -13.66
O7 OPG D . -4.21 -3.20 -14.34
C1 OPG E . 0.17 -7.50 -24.62
C2 OPG E . 1.58 -7.82 -25.16
O2 OPG E . 2.05 -9.10 -24.71
C3 OPG E . 2.54 -6.70 -24.69
O3 OPG E . 3.90 -7.10 -24.91
C4 OPG E . 2.22 -5.33 -25.47
O4 OPG E . 2.87 -4.24 -24.82
C5 OPG E . 0.67 -4.97 -25.58
O8 OPG E . -0.20 -4.87 -24.39
C7 OPG E . 0.31 -4.32 -26.93
C6 OPG E . -0.28 -6.12 -25.17
O7 OPG E . 0.82 -5.06 -28.03
CA CA F . -1.51 7.67 -16.46
CA CA G . -18.87 -18.29 -10.69
#